data_8K2X
#
_entry.id   8K2X
#
_cell.length_a   1.00
_cell.length_b   1.00
_cell.length_c   1.00
_cell.angle_alpha   90.00
_cell.angle_beta   90.00
_cell.angle_gamma   90.00
#
_symmetry.space_group_name_H-M   'P 1'
#
loop_
_entity.id
_entity.type
_entity.pdbx_description
1 polymer 'Guanine nucleotide-binding protein G(i) subunit alpha-1'
2 polymer 'Guanine nucleotide-binding protein G(I)/G(S)/G(T) subunit beta-1'
3 polymer 'Guanine nucleotide-binding protein G(I)/G(S)/G(O) subunit gamma-2'
4 polymer 'Soluble cytochrome b562,C-X-C chemokine receptor type 3,Oplophorus-luciferin 2-monooxygenase catalytic subunit'
5 polymer 'single-chain variable fragment scFv16'
6 polymer 'C-X-C motif chemokine 10'
7 non-polymer CHOLESTEROL
#
loop_
_entity_poly.entity_id
_entity_poly.type
_entity_poly.pdbx_seq_one_letter_code
_entity_poly.pdbx_strand_id
1 'polypeptide(L)'
;MGCTLSAEDKAAVERSKMIDRNLREDGEKAAREVKLLLLGAGESGKSTIVKQMKIIHEAGYSEEECKQYKAVVYSNTIQS
IIAIIRAMGRLKIDFGDSARADDARQLFVLAGAAEEGFMTAELAGVIKRLWKDSGVQACFNRSREYQLNDSAAYYLNDLD
RIAQPNYIPTQQDVLRTRVKTTGIVETHFTFKDLHFKMFDVGAQRSERKKWIHCFEGVTAIIFCVALSDYDLVLAEDEEM
NRMHESMKLFDSICNNKWFTDTSIILFLNKKDLFEEKIKKSPLTICYPEYAGSNTYEEAAAYIQCQFEDLNKRKDTKEIY
THFTCSTDTKNVQFVFDAVTDVIIKNNLKDCGLF
;
A
2 'polypeptide(L)'
;HHHHHHHHHHLEVLFQGPGSSGSELDQLRQEAEQLKNQIRDARKACADATLSQITNNIDPVGRIQMRTRRTLRGHLAKIY
AMHWGTDSRLLVSASQDGKLIIWDSYTTNKVHAIPLRSSWVMTCAYAPSGNYVACGGLDNICSIYNLKTREGNVRVSREL
AGHTGYLSCCRFLDDNQIVTSSGDTTCALWDIETGQQTTTFTGHTGDVMSLSLAPDTRLFVSGACDASAKLWDVREGMCR
QTFTGHESDINAICFFPNGNAFATGSDDATCRLFDLRADQELMTYSHDNIICGITSVSFSKSGRLLLAGYDDFNCNVWDA
LKADRAGVLAGHDNRVSCLGVTDDGMAVATGSWDSFLKIWNGASGASGASGASVSGWRLFKKIS
;
B
3 'polypeptide(L)' MASNNTASIAQARKLVEQLKMEANIDRIKVSKAAADLMAYCEAHAKEDPLLTPVPASENPFREKKFFCAIL G
4 'polypeptide(L)'
;MKTIIALSYIFCLVFADYKDDDDKGSADLEDNWETLNDNLKVIEKADNAAQVKDALTKMRAAALDAQKATPPKLEDKSPD
SPEMKDFRHGFDILVGQIDDALKLANEGKVKEAQAAAEQLKTTRNAYIQKYLLVPRGSMVLEVSDHQVLNDAEVAALLEN
FSSSYDYGENESDSCCTSPPCPQDFSLNFDRAFLPALYSLLFLLGLLGNGAVAAVLLSRRTALSSTDTFLLHLAVADTLL
VLTLPLWAVDAAVQWVFGSGLCKVAGALFNINFYAGALLLACISFDRYLNIVHATQLYRRGPPARVTLTCLAVWGLCLLF
ALPDFIFLSAHHDERLNATHCQYNFPQVGRTALRVLQLVAGFLLPLLVMAYCYAHILAVLLVSRGQRRLRAMRLVVVVVV
AFALCWTPYHLVVLVDILMDLGALARNCGRESRVDVAKSVTSGLGYMHCCLNPLLYAFVGVKFRERMWMLLLRLGCPNQR
GLQRQPSSSRRDSSWSETSVFTLEDFVGDWEQTAAYNLDQVLEQGGVSSLLQNLAVSVTPIQRIVRSGENALKIDIHVII
PYEGLSADQMAQIEEVFKVVYPVDDHHFKVILPYGTLVIDGVTPNMLNYFGRPYEGIAVFDGKKITVTGTLWNGNKIIDE
RLITPDGSMLFRVTINS
;
R
5 'polypeptide(L)'
;DVQLVESGGGLVQPGGSRKLSCSASGFAFSSFGMHWVRQAPEKGLEWVAYISSGSGTIYYADTVKGRFTISRDDPKNTLF
LQMTSLRSEDTAMYYCVRSIYYYGSSPFDFWGQGTTLTVSSGGGGSGGGGSGGGGSDIVMTQATSSVPVTPGESVSISCR
SSKSLLHSNGNTYLYWFLQRPGQSPQLLIYRMSNLASGVPDRFSGSGSGTAFTLTISRLEAEDVGVYYCMQHLEYPLTFG
AGTKLELKAAAHHHHHHHH
;
S
6 'polypeptide(L)'
;MNQTAILICCLIFLTLSGIQGVPLSRTVRCTCISISNQPVNPRSLEKLEIIPASQFCPRVEIIATMKKKGEKRCLNPESK
AIKNLLKAVSKERSKRSP
;
L
#
# COMPACT_ATOMS: atom_id res chain seq x y z
N LEU A 5 -12.28 -15.78 21.01
CA LEU A 5 -12.06 -15.05 19.77
C LEU A 5 -11.00 -13.96 19.97
N SER A 6 -11.33 -12.96 20.77
CA SER A 6 -10.41 -11.87 21.05
C SER A 6 -10.85 -11.19 22.35
N ALA A 7 -9.89 -10.93 23.25
CA ALA A 7 -10.19 -10.29 24.52
C ALA A 7 -9.87 -8.79 24.48
N GLU A 8 -8.62 -8.45 24.19
CA GLU A 8 -8.23 -7.08 23.87
C GLU A 8 -7.56 -6.99 22.51
N ASP A 9 -7.59 -8.09 21.74
CA ASP A 9 -7.19 -8.04 20.34
C ASP A 9 -8.18 -7.24 19.51
N LYS A 10 -9.44 -7.13 19.96
CA LYS A 10 -10.42 -6.31 19.27
C LYS A 10 -10.00 -4.84 19.29
N ALA A 11 -9.45 -4.38 20.42
CA ALA A 11 -8.97 -3.00 20.47
C ALA A 11 -7.78 -2.79 19.53
N ALA A 12 -6.91 -3.80 19.41
CA ALA A 12 -5.82 -3.71 18.45
C ALA A 12 -6.34 -3.64 17.03
N VAL A 13 -7.39 -4.43 16.72
CA VAL A 13 -7.99 -4.38 15.38
C VAL A 13 -8.61 -3.01 15.13
N GLU A 14 -9.25 -2.43 16.16
CA GLU A 14 -9.83 -1.11 16.01
C GLU A 14 -8.75 -0.05 15.76
N ARG A 15 -7.63 -0.15 16.47
CA ARG A 15 -6.51 0.75 16.22
C ARG A 15 -5.98 0.59 14.81
N SER A 16 -5.87 -0.65 14.34
CA SER A 16 -5.40 -0.90 12.98
C SER A 16 -6.36 -0.30 11.96
N LYS A 17 -7.66 -0.40 12.20
CA LYS A 17 -8.64 0.18 11.28
C LYS A 17 -8.56 1.70 11.27
N MET A 18 -8.35 2.31 12.44
CA MET A 18 -8.17 3.76 12.48
C MET A 18 -6.91 4.18 11.72
N ILE A 19 -5.83 3.41 11.87
CA ILE A 19 -4.61 3.68 11.12
C ILE A 19 -4.87 3.54 9.63
N ASP A 20 -5.66 2.54 9.24
CA ASP A 20 -6.00 2.34 7.83
C ASP A 20 -6.76 3.56 7.28
N ARG A 21 -7.73 4.05 8.05
CA ARG A 21 -8.48 5.23 7.62
C ARG A 21 -7.57 6.44 7.49
N ASN A 22 -6.66 6.63 8.45
CA ASN A 22 -5.72 7.75 8.36
C ASN A 22 -4.82 7.62 7.13
N LEU A 23 -4.36 6.41 6.83
CA LEU A 23 -3.52 6.20 5.65
C LEU A 23 -4.30 6.51 4.38
N ARG A 24 -5.56 6.08 4.31
CA ARG A 24 -6.37 6.38 3.13
C ARG A 24 -6.58 7.89 2.96
N GLU A 25 -6.86 8.58 4.06
CA GLU A 25 -7.04 10.03 3.98
C GLU A 25 -5.76 10.73 3.54
N ASP A 26 -4.61 10.31 4.07
CA ASP A 26 -3.35 10.91 3.68
C ASP A 26 -3.05 10.65 2.21
N GLY A 27 -3.32 9.43 1.73
CA GLY A 27 -3.11 9.13 0.32
C GLY A 27 -4.01 9.95 -0.59
N GLU A 28 -5.28 10.10 -0.20
CA GLU A 28 -6.19 10.92 -0.99
C GLU A 28 -5.75 12.37 -1.02
N LYS A 29 -5.28 12.90 0.11
CA LYS A 29 -4.80 14.27 0.14
C LYS A 29 -3.57 14.43 -0.74
N ALA A 30 -2.66 13.45 -0.71
CA ALA A 30 -1.44 13.54 -1.50
C ALA A 30 -1.68 13.28 -2.98
N ALA A 31 -2.81 12.67 -3.33
CA ALA A 31 -3.11 12.41 -4.74
C ALA A 31 -3.64 13.64 -5.47
N ARG A 32 -3.92 14.74 -4.76
CA ARG A 32 -4.39 15.97 -5.36
C ARG A 32 -3.26 16.96 -5.62
N GLU A 33 -2.02 16.47 -5.76
CA GLU A 33 -0.87 17.32 -5.99
C GLU A 33 -0.23 16.99 -7.33
N VAL A 34 0.40 17.99 -7.94
CA VAL A 34 1.11 17.82 -9.20
C VAL A 34 2.59 17.75 -8.88
N LYS A 35 3.22 16.64 -9.25
CA LYS A 35 4.63 16.42 -8.99
C LYS A 35 5.41 16.60 -10.29
N LEU A 36 6.32 17.57 -10.31
CA LEU A 36 7.13 17.87 -11.48
C LEU A 36 8.59 17.63 -11.14
N LEU A 37 9.29 16.91 -12.02
CA LEU A 37 10.70 16.62 -11.83
C LEU A 37 11.53 17.62 -12.62
N LEU A 38 12.35 18.41 -11.93
CA LEU A 38 13.11 19.47 -12.56
C LEU A 38 14.52 18.99 -12.88
N LEU A 39 14.91 19.13 -14.15
CA LEU A 39 16.20 18.64 -14.62
C LEU A 39 16.86 19.70 -15.49
N GLY A 40 18.18 19.63 -15.56
CA GLY A 40 18.95 20.56 -16.36
C GLY A 40 20.36 20.05 -16.52
N ALA A 41 21.14 20.80 -17.31
CA ALA A 41 22.52 20.44 -17.60
C ALA A 41 23.44 21.48 -16.99
N GLY A 42 24.16 21.09 -15.93
CA GLY A 42 25.11 21.99 -15.29
C GLY A 42 24.48 23.21 -14.66
N GLU A 43 23.27 23.07 -14.12
CA GLU A 43 22.54 24.15 -13.46
C GLU A 43 22.42 25.37 -14.38
N SER A 44 22.02 25.12 -15.61
CA SER A 44 21.88 26.17 -16.63
C SER A 44 20.48 26.75 -16.54
N GLY A 45 20.34 27.83 -15.78
CA GLY A 45 19.07 28.51 -15.65
C GLY A 45 18.09 27.88 -14.69
N LYS A 46 18.49 26.82 -13.98
CA LYS A 46 17.58 26.19 -13.04
C LYS A 46 17.19 27.13 -11.91
N SER A 47 18.16 27.91 -11.40
CA SER A 47 17.86 28.85 -10.32
C SER A 47 16.89 29.93 -10.77
N THR A 48 17.05 30.42 -12.01
CA THR A 48 16.14 31.45 -12.53
C THR A 48 14.72 30.92 -12.63
N ILE A 49 14.56 29.68 -13.10
CA ILE A 49 13.23 29.07 -13.18
C ILE A 49 12.66 28.87 -11.78
N VAL A 50 13.50 28.42 -10.84
CA VAL A 50 13.04 28.18 -9.48
C VAL A 50 12.56 29.48 -8.83
N LYS A 51 13.27 30.58 -9.08
CA LYS A 51 12.95 31.84 -8.42
C LYS A 51 11.55 32.36 -8.79
N GLN A 52 10.95 31.83 -9.85
CA GLN A 52 9.62 32.28 -10.25
C GLN A 52 8.51 31.71 -9.37
N MET A 53 8.83 30.83 -8.42
CA MET A 53 7.81 30.26 -7.56
C MET A 53 7.24 31.31 -6.61
N LYS A 54 6.00 31.10 -6.19
CA LYS A 54 5.29 32.02 -5.31
C LYS A 54 4.73 31.25 -4.12
N ILE A 55 4.99 31.77 -2.92
CA ILE A 55 4.45 31.16 -1.70
C ILE A 55 4.13 32.23 -0.68
N VAL A 179 17.75 23.52 4.57
CA VAL A 179 19.18 23.84 4.54
C VAL A 179 19.99 22.68 5.13
N LYS A 180 19.33 21.84 5.91
CA LYS A 180 20.00 20.69 6.51
C LYS A 180 20.32 19.63 5.47
N THR A 181 19.39 19.36 4.56
CA THR A 181 19.54 18.29 3.57
C THR A 181 20.06 18.86 2.26
N THR A 182 21.11 18.22 1.73
CA THR A 182 21.71 18.63 0.46
C THR A 182 21.61 17.54 -0.60
N GLY A 183 20.65 16.62 -0.47
CA GLY A 183 20.48 15.57 -1.45
C GLY A 183 19.39 15.87 -2.45
N ILE A 184 18.23 16.32 -1.96
CA ILE A 184 17.10 16.67 -2.80
C ILE A 184 16.57 18.02 -2.33
N VAL A 185 15.89 18.71 -3.24
CA VAL A 185 15.34 20.03 -2.96
C VAL A 185 13.84 20.01 -3.24
N GLU A 186 13.04 20.44 -2.27
CA GLU A 186 11.60 20.53 -2.39
C GLU A 186 11.19 21.96 -2.70
N THR A 187 10.19 22.11 -3.58
CA THR A 187 9.62 23.42 -3.86
C THR A 187 8.10 23.29 -3.93
N HIS A 188 7.41 23.96 -3.02
CA HIS A 188 5.95 23.95 -2.96
C HIS A 188 5.44 25.28 -3.46
N PHE A 189 4.44 25.25 -4.34
CA PHE A 189 3.75 26.48 -4.70
C PHE A 189 2.33 26.16 -5.16
N THR A 190 1.56 27.20 -5.44
CA THR A 190 0.15 27.06 -5.78
C THR A 190 -0.20 28.05 -6.88
N PHE A 191 -0.89 27.58 -7.90
CA PHE A 191 -1.38 28.42 -8.98
C PHE A 191 -2.80 28.03 -9.32
N LYS A 192 -3.70 29.02 -9.32
CA LYS A 192 -5.12 28.81 -9.56
C LYS A 192 -5.67 27.73 -8.61
N ASP A 193 -5.19 27.76 -7.36
CA ASP A 193 -5.54 26.87 -6.26
C ASP A 193 -5.00 25.46 -6.48
N LEU A 194 -4.45 25.16 -7.65
CA LEU A 194 -3.81 23.87 -7.89
C LEU A 194 -2.43 23.87 -7.25
N HIS A 195 -2.10 22.77 -6.56
CA HIS A 195 -0.88 22.66 -5.78
C HIS A 195 0.20 21.96 -6.61
N PHE A 196 1.38 22.57 -6.70
CA PHE A 196 2.51 22.05 -7.45
C PHE A 196 3.68 21.79 -6.53
N LYS A 197 4.33 20.64 -6.74
CA LYS A 197 5.55 20.26 -6.04
C LYS A 197 6.64 19.99 -7.07
N MET A 198 7.80 20.61 -6.87
CA MET A 198 8.93 20.46 -7.78
C MET A 198 10.10 19.89 -7.00
N PHE A 199 10.72 18.84 -7.55
CA PHE A 199 11.87 18.19 -6.95
C PHE A 199 13.12 18.53 -7.76
N ASP A 200 14.13 19.06 -7.10
CA ASP A 200 15.41 19.36 -7.72
C ASP A 200 16.43 18.35 -7.23
N VAL A 201 17.03 17.61 -8.16
CA VAL A 201 18.00 16.57 -7.85
C VAL A 201 19.34 16.92 -8.47
N GLY A 202 19.63 18.21 -8.59
CA GLY A 202 20.87 18.64 -9.23
C GLY A 202 22.12 18.47 -8.40
N ALA A 203 21.99 18.11 -7.12
CA ALA A 203 23.13 17.94 -6.23
C ALA A 203 23.27 16.50 -5.78
N GLN A 204 22.86 15.54 -6.61
CA GLN A 204 22.99 14.13 -6.27
C GLN A 204 24.36 13.57 -6.63
N ARG A 205 24.92 14.00 -7.75
CA ARG A 205 26.28 13.70 -8.20
C ARG A 205 26.59 12.21 -8.31
N SER A 206 25.58 11.35 -8.16
CA SER A 206 25.75 9.92 -8.25
C SER A 206 25.32 9.43 -9.63
N GLU A 207 25.30 8.11 -9.82
CA GLU A 207 24.84 7.55 -11.07
C GLU A 207 23.35 7.83 -11.25
N ARG A 208 22.97 8.25 -12.46
CA ARG A 208 21.59 8.66 -12.70
C ARG A 208 20.64 7.46 -12.69
N LYS A 209 21.11 6.31 -13.17
CA LYS A 209 20.24 5.14 -13.24
C LYS A 209 20.01 4.49 -11.89
N LYS A 210 20.70 4.92 -10.84
CA LYS A 210 20.56 4.29 -9.53
C LYS A 210 19.39 4.83 -8.73
N TRP A 211 18.83 5.98 -9.12
CA TRP A 211 17.73 6.57 -8.38
C TRP A 211 16.65 7.19 -9.26
N ILE A 212 16.77 7.10 -10.59
CA ILE A 212 15.78 7.74 -11.45
C ILE A 212 14.44 7.01 -11.39
N HIS A 213 14.46 5.69 -11.14
CA HIS A 213 13.21 4.93 -11.10
C HIS A 213 12.32 5.36 -9.95
N CYS A 214 12.85 6.08 -8.96
CA CYS A 214 12.02 6.61 -7.90
C CYS A 214 11.01 7.62 -8.42
N PHE A 215 11.33 8.29 -9.53
CA PHE A 215 10.48 9.34 -10.10
C PHE A 215 9.66 8.84 -11.27
N GLU A 216 9.22 7.58 -11.22
CA GLU A 216 8.45 7.02 -12.34
C GLU A 216 7.06 7.62 -12.46
N GLY A 217 6.50 8.13 -11.37
CA GLY A 217 5.12 8.59 -11.38
C GLY A 217 4.93 10.09 -11.44
N VAL A 218 5.99 10.84 -11.77
CA VAL A 218 5.87 12.29 -11.84
C VAL A 218 4.98 12.69 -13.00
N THR A 219 4.26 13.80 -12.84
CA THR A 219 3.34 14.25 -13.88
C THR A 219 4.10 14.76 -15.11
N ALA A 220 5.18 15.51 -14.90
CA ALA A 220 5.92 16.08 -16.02
C ALA A 220 7.36 16.28 -15.61
N ILE A 221 8.22 16.40 -16.62
CA ILE A 221 9.65 16.64 -16.42
C ILE A 221 9.97 18.00 -17.02
N ILE A 222 10.33 18.95 -16.17
CA ILE A 222 10.68 20.30 -16.60
C ILE A 222 12.18 20.31 -16.90
N PHE A 223 12.53 20.37 -18.18
CA PHE A 223 13.92 20.34 -18.61
C PHE A 223 14.35 21.74 -19.01
N CYS A 224 15.40 22.25 -18.35
CA CYS A 224 15.89 23.60 -18.59
C CYS A 224 17.17 23.54 -19.42
N VAL A 225 17.21 24.31 -20.49
CA VAL A 225 18.36 24.38 -21.39
C VAL A 225 18.71 25.83 -21.63
N ALA A 226 19.99 26.17 -21.45
CA ALA A 226 20.45 27.54 -21.70
C ALA A 226 20.68 27.72 -23.18
N LEU A 227 19.98 28.70 -23.78
CA LEU A 227 20.12 28.95 -25.21
C LEU A 227 21.52 29.46 -25.55
N SER A 228 22.08 30.34 -24.72
CA SER A 228 23.39 30.93 -24.98
C SER A 228 24.47 29.93 -24.59
N ASP A 229 24.76 29.02 -25.50
CA ASP A 229 25.79 28.01 -25.29
C ASP A 229 26.39 27.56 -26.61
N GLU A 239 33.59 27.35 -26.76
CA GLU A 239 32.65 26.56 -25.98
C GLU A 239 32.99 25.08 -26.07
N MET A 240 32.83 24.37 -24.95
CA MET A 240 33.10 22.94 -24.90
C MET A 240 31.84 22.12 -25.23
N ASN A 241 31.21 22.48 -26.35
CA ASN A 241 29.98 21.86 -26.85
C ASN A 241 29.00 21.55 -25.73
N ARG A 242 28.69 22.58 -24.93
CA ARG A 242 27.72 22.41 -23.85
C ARG A 242 26.34 22.06 -24.39
N MET A 243 25.96 22.65 -25.53
CA MET A 243 24.67 22.32 -26.13
C MET A 243 24.62 20.86 -26.54
N HIS A 244 25.75 20.31 -27.00
CA HIS A 244 25.79 18.88 -27.33
C HIS A 244 25.55 18.03 -26.10
N GLU A 245 26.16 18.40 -24.96
CA GLU A 245 25.93 17.66 -23.72
C GLU A 245 24.48 17.77 -23.28
N SER A 246 23.89 18.96 -23.43
CA SER A 246 22.47 19.12 -23.11
C SER A 246 21.61 18.23 -23.98
N MET A 247 21.91 18.16 -25.27
CA MET A 247 21.15 17.30 -26.17
C MET A 247 21.32 15.82 -25.80
N LYS A 248 22.53 15.42 -25.42
CA LYS A 248 22.74 14.04 -24.98
C LYS A 248 21.93 13.73 -23.73
N LEU A 249 21.93 14.63 -22.76
CA LEU A 249 21.13 14.43 -21.55
C LEU A 249 19.64 14.37 -21.87
N PHE A 250 19.18 15.24 -22.78
CA PHE A 250 17.77 15.23 -23.17
C PHE A 250 17.40 13.91 -23.84
N ASP A 251 18.27 13.42 -24.72
CA ASP A 251 18.01 12.15 -25.39
C ASP A 251 17.98 10.99 -24.40
N SER A 252 18.90 11.00 -23.43
CA SER A 252 18.92 9.95 -22.42
C SER A 252 17.67 9.98 -21.56
N ILE A 253 17.22 11.18 -21.17
CA ILE A 253 16.06 11.29 -20.30
C ILE A 253 14.78 10.93 -21.04
N CYS A 254 14.62 11.43 -22.27
CA CYS A 254 13.36 11.24 -22.99
C CYS A 254 13.12 9.78 -23.35
N ASN A 255 14.17 9.06 -23.71
CA ASN A 255 14.06 7.69 -24.17
C ASN A 255 14.22 6.67 -23.04
N ASN A 256 14.28 7.12 -21.79
CA ASN A 256 14.41 6.21 -20.66
C ASN A 256 13.20 5.28 -20.60
N LYS A 257 13.46 4.02 -20.21
CA LYS A 257 12.38 3.05 -20.13
C LYS A 257 11.42 3.34 -18.97
N TRP A 258 11.81 4.22 -18.04
CA TRP A 258 10.93 4.62 -16.96
C TRP A 258 10.02 5.78 -17.33
N PHE A 259 10.47 6.67 -18.21
CA PHE A 259 9.77 7.91 -18.51
C PHE A 259 8.95 7.83 -19.80
N THR A 260 8.42 6.65 -20.11
CA THR A 260 7.41 6.55 -21.15
C THR A 260 6.07 7.04 -20.60
N ASP A 261 5.29 7.65 -21.48
CA ASP A 261 4.01 8.28 -21.13
C ASP A 261 4.18 9.45 -20.17
N THR A 262 5.40 9.99 -20.06
CA THR A 262 5.67 11.14 -19.20
C THR A 262 6.07 12.33 -20.07
N SER A 263 5.33 13.42 -19.94
CA SER A 263 5.53 14.57 -20.79
C SER A 263 6.73 15.41 -20.32
N ILE A 264 7.35 16.11 -21.27
CA ILE A 264 8.51 16.94 -21.01
C ILE A 264 8.17 18.37 -21.38
N ILE A 265 8.43 19.29 -20.47
CA ILE A 265 8.24 20.72 -20.68
C ILE A 265 9.62 21.35 -20.80
N LEU A 266 9.93 21.86 -21.99
CA LEU A 266 11.25 22.38 -22.29
C LEU A 266 11.28 23.89 -22.08
N PHE A 267 12.31 24.36 -21.39
CA PHE A 267 12.47 25.78 -21.07
C PHE A 267 13.79 26.26 -21.66
N LEU A 268 13.72 27.06 -22.72
CA LEU A 268 14.91 27.63 -23.34
C LEU A 268 15.19 28.97 -22.68
N ASN A 269 16.15 28.99 -21.76
CA ASN A 269 16.44 30.16 -20.96
C ASN A 269 17.44 31.07 -21.65
N LYS A 270 17.55 32.30 -21.14
CA LYS A 270 18.57 33.27 -21.55
C LYS A 270 18.48 33.57 -23.05
N LYS A 271 17.35 34.14 -23.45
CA LYS A 271 17.16 34.48 -24.86
C LYS A 271 17.88 35.76 -25.25
N ASP A 272 18.00 36.73 -24.34
CA ASP A 272 18.67 37.99 -24.68
C ASP A 272 20.15 37.78 -24.92
N LEU A 273 20.81 36.99 -24.06
CA LEU A 273 22.22 36.68 -24.28
C LEU A 273 22.41 35.91 -25.58
N PHE A 274 21.48 35.01 -25.90
CA PHE A 274 21.54 34.31 -27.18
C PHE A 274 21.43 35.28 -28.34
N GLU A 275 20.54 36.27 -28.24
CA GLU A 275 20.40 37.29 -29.27
C GLU A 275 21.71 38.05 -29.46
N GLU A 276 22.31 38.49 -28.34
CA GLU A 276 23.56 39.24 -28.42
C GLU A 276 24.67 38.39 -29.04
N LYS A 277 24.78 37.13 -28.60
CA LYS A 277 25.83 36.25 -29.13
C LYS A 277 25.65 35.98 -30.61
N ILE A 278 24.41 35.70 -31.04
CA ILE A 278 24.19 35.40 -32.45
C ILE A 278 24.36 36.64 -33.31
N LYS A 279 24.08 37.83 -32.77
CA LYS A 279 24.41 39.05 -33.50
C LYS A 279 25.92 39.24 -33.61
N LYS A 280 26.65 38.90 -32.55
CA LYS A 280 28.10 39.04 -32.58
C LYS A 280 28.75 37.89 -33.34
N SER A 281 28.54 36.65 -32.87
CA SER A 281 29.16 35.48 -33.46
C SER A 281 28.14 34.59 -34.14
N PRO A 282 28.44 34.06 -35.33
CA PRO A 282 27.49 33.18 -36.00
C PRO A 282 27.29 31.88 -35.24
N LEU A 283 26.10 31.31 -35.39
CA LEU A 283 25.78 30.02 -34.79
C LEU A 283 26.54 28.88 -35.44
N THR A 284 27.16 29.12 -36.60
CA THR A 284 27.85 28.07 -37.33
C THR A 284 29.04 27.49 -36.56
N ILE A 285 29.57 28.23 -35.58
CA ILE A 285 30.69 27.70 -34.80
C ILE A 285 30.26 26.45 -34.04
N CYS A 286 29.09 26.50 -33.41
CA CYS A 286 28.54 25.32 -32.76
C CYS A 286 27.92 24.37 -33.77
N TYR A 287 27.33 24.90 -34.84
CA TYR A 287 26.57 24.13 -35.81
C TYR A 287 27.09 24.43 -37.22
N PRO A 288 28.21 23.84 -37.62
CA PRO A 288 28.67 24.00 -39.00
C PRO A 288 27.72 23.43 -40.03
N GLU A 289 26.81 22.55 -39.63
CA GLU A 289 25.84 21.94 -40.54
C GLU A 289 24.61 22.80 -40.77
N TYR A 290 24.68 24.09 -40.49
CA TYR A 290 23.54 24.99 -40.65
C TYR A 290 23.58 25.65 -42.04
N ALA A 291 22.42 25.72 -42.67
CA ALA A 291 22.26 26.33 -43.99
C ALA A 291 21.27 27.49 -43.94
N GLY A 292 21.40 28.34 -42.92
CA GLY A 292 20.51 29.48 -42.75
C GLY A 292 21.30 30.74 -42.39
N SER A 293 20.55 31.83 -42.29
CA SER A 293 21.13 33.13 -41.97
C SER A 293 21.37 33.22 -40.46
N ASN A 294 21.69 34.43 -39.99
CA ASN A 294 22.01 34.66 -38.59
C ASN A 294 20.92 35.43 -37.84
N THR A 295 19.68 35.40 -38.34
CA THR A 295 18.60 36.04 -37.63
C THR A 295 18.21 35.22 -36.40
N TYR A 296 17.64 35.91 -35.42
CA TYR A 296 17.34 35.27 -34.14
C TYR A 296 16.18 34.30 -34.27
N GLU A 297 15.11 34.69 -34.98
CA GLU A 297 13.88 33.91 -34.99
C GLU A 297 14.11 32.53 -35.60
N GLU A 298 14.74 32.48 -36.78
CA GLU A 298 14.91 31.20 -37.45
C GLU A 298 15.92 30.31 -36.72
N ALA A 299 16.94 30.90 -36.10
CA ALA A 299 17.88 30.09 -35.31
C ALA A 299 17.21 29.52 -34.08
N ALA A 300 16.38 30.32 -33.40
CA ALA A 300 15.64 29.81 -32.25
C ALA A 300 14.68 28.69 -32.65
N ALA A 301 13.99 28.87 -33.79
CA ALA A 301 13.10 27.82 -34.27
C ALA A 301 13.89 26.55 -34.61
N TYR A 302 15.05 26.71 -35.23
CA TYR A 302 15.89 25.56 -35.56
C TYR A 302 16.33 24.81 -34.31
N ILE A 303 16.73 25.55 -33.27
CA ILE A 303 17.10 24.91 -32.00
C ILE A 303 15.90 24.19 -31.41
N GLN A 304 14.72 24.82 -31.48
CA GLN A 304 13.52 24.18 -30.96
C GLN A 304 13.23 22.86 -31.65
N CYS A 305 13.32 22.82 -32.98
CA CYS A 305 12.98 21.57 -33.67
C CYS A 305 14.06 20.52 -33.49
N GLN A 306 15.33 20.94 -33.43
CA GLN A 306 16.39 19.95 -33.21
C GLN A 306 16.37 19.42 -31.78
N PHE A 307 15.74 20.13 -30.85
CA PHE A 307 15.51 19.57 -29.53
C PHE A 307 14.28 18.68 -29.51
N GLU A 308 13.23 19.07 -30.24
CA GLU A 308 11.97 18.32 -30.21
C GLU A 308 12.04 17.01 -31.00
N ASP A 309 12.91 16.92 -32.00
CA ASP A 309 12.94 15.71 -32.81
C ASP A 309 13.77 14.59 -32.18
N LEU A 310 14.41 14.84 -31.04
CA LEU A 310 15.14 13.79 -30.34
C LEU A 310 14.21 12.79 -29.68
N ASN A 311 12.91 13.09 -29.58
CA ASN A 311 11.95 12.19 -28.95
C ASN A 311 11.57 11.13 -29.97
N LYS A 312 11.96 9.88 -29.71
CA LYS A 312 11.66 8.80 -30.64
C LYS A 312 10.18 8.42 -30.59
N ARG A 313 9.60 8.39 -29.41
CA ARG A 313 8.20 8.01 -29.23
C ARG A 313 7.32 9.25 -29.44
N LYS A 314 7.23 9.66 -30.71
CA LYS A 314 6.51 10.87 -31.06
C LYS A 314 5.01 10.75 -30.76
N ASP A 315 4.48 9.54 -30.71
CA ASP A 315 3.06 9.34 -30.48
C ASP A 315 2.71 9.23 -28.99
N THR A 316 3.57 8.57 -28.21
CA THR A 316 3.22 8.31 -26.81
C THR A 316 3.28 9.57 -25.96
N LYS A 317 4.33 10.37 -26.12
CA LYS A 317 4.54 11.55 -25.30
C LYS A 317 4.75 12.78 -26.17
N GLU A 318 4.35 13.93 -25.65
CA GLU A 318 4.50 15.21 -26.33
C GLU A 318 5.51 16.07 -25.57
N ILE A 319 6.11 17.01 -26.28
CA ILE A 319 7.08 17.94 -25.72
C ILE A 319 6.54 19.35 -25.87
N TYR A 320 6.39 20.05 -24.75
CA TYR A 320 5.93 21.44 -24.76
C TYR A 320 7.15 22.34 -24.63
N THR A 321 7.33 23.21 -25.62
CA THR A 321 8.50 24.08 -25.70
C THR A 321 8.10 25.52 -25.45
N HIS A 322 8.88 26.22 -24.64
CA HIS A 322 8.63 27.61 -24.33
C HIS A 322 9.95 28.35 -24.22
N PHE A 323 9.93 29.65 -24.53
CA PHE A 323 11.09 30.51 -24.40
C PHE A 323 10.90 31.38 -23.16
N THR A 324 11.84 31.27 -22.22
CA THR A 324 11.69 31.96 -20.94
C THR A 324 11.65 33.47 -21.15
N CYS A 325 10.65 34.11 -20.54
CA CYS A 325 10.42 35.53 -20.69
C CYS A 325 10.49 36.20 -19.32
N SER A 326 10.84 37.50 -19.34
CA SER A 326 10.98 38.26 -18.11
C SER A 326 9.65 38.52 -17.41
N THR A 327 8.53 38.25 -18.06
CA THR A 327 7.22 38.46 -17.43
C THR A 327 7.07 37.54 -16.23
N ASP A 328 6.39 38.05 -15.20
CA ASP A 328 6.37 37.37 -13.90
C ASP A 328 5.59 36.05 -13.96
N THR A 329 4.39 36.07 -14.52
CA THR A 329 3.48 34.94 -14.42
C THR A 329 3.32 34.15 -15.72
N LYS A 330 3.99 34.56 -16.79
CA LYS A 330 3.83 33.86 -18.07
C LYS A 330 4.37 32.44 -18.00
N ASN A 331 5.53 32.25 -17.35
CA ASN A 331 6.09 30.91 -17.22
C ASN A 331 5.18 30.01 -16.41
N VAL A 332 4.62 30.52 -15.31
CA VAL A 332 3.71 29.73 -14.50
C VAL A 332 2.45 29.40 -15.27
N GLN A 333 1.95 30.35 -16.07
CA GLN A 333 0.76 30.08 -16.87
C GLN A 333 1.04 28.99 -17.92
N PHE A 334 2.21 29.03 -18.54
CA PHE A 334 2.57 27.99 -19.50
C PHE A 334 2.67 26.63 -18.83
N VAL A 335 3.28 26.58 -17.64
CA VAL A 335 3.39 25.32 -16.91
C VAL A 335 2.00 24.80 -16.55
N PHE A 336 1.11 25.70 -16.12
CA PHE A 336 -0.25 25.29 -15.78
C PHE A 336 -0.98 24.76 -17.00
N ASP A 337 -0.82 25.40 -18.16
CA ASP A 337 -1.47 24.91 -19.37
C ASP A 337 -0.96 23.53 -19.75
N ALA A 338 0.35 23.33 -19.70
CA ALA A 338 0.92 22.02 -20.04
C ALA A 338 0.43 20.95 -19.06
N VAL A 339 0.38 21.28 -17.77
CA VAL A 339 -0.05 20.31 -16.78
C VAL A 339 -1.54 19.98 -16.98
N THR A 340 -2.35 20.98 -17.31
CA THR A 340 -3.77 20.73 -17.57
C THR A 340 -3.95 19.81 -18.77
N ASP A 341 -3.18 20.05 -19.84
CA ASP A 341 -3.27 19.17 -21.00
C ASP A 341 -2.84 17.75 -20.66
N VAL A 342 -1.77 17.62 -19.86
CA VAL A 342 -1.31 16.29 -19.47
C VAL A 342 -2.36 15.57 -18.64
N ILE A 343 -3.00 16.30 -17.72
CA ILE A 343 -4.06 15.70 -16.90
C ILE A 343 -5.23 15.27 -17.76
N ILE A 344 -5.59 16.08 -18.76
CA ILE A 344 -6.70 15.71 -19.65
C ILE A 344 -6.36 14.44 -20.42
N LYS A 345 -5.13 14.35 -20.93
CA LYS A 345 -4.73 13.14 -21.66
C LYS A 345 -4.71 11.92 -20.75
N ASN A 346 -4.23 12.08 -19.52
CA ASN A 346 -4.22 10.96 -18.57
C ASN A 346 -5.62 10.49 -18.26
N ASN A 347 -6.55 11.43 -18.05
CA ASN A 347 -7.94 11.06 -17.80
C ASN A 347 -8.57 10.40 -19.02
N LEU A 348 -8.20 10.85 -20.22
CA LEU A 348 -8.68 10.20 -21.43
C LEU A 348 -8.22 8.76 -21.50
N LYS A 349 -6.95 8.51 -21.15
CA LYS A 349 -6.46 7.13 -21.15
C LYS A 349 -7.10 6.31 -20.04
N ASP A 350 -7.43 6.93 -18.91
CA ASP A 350 -7.95 6.20 -17.77
C ASP A 350 -9.46 5.99 -17.80
N CYS A 351 -10.21 6.91 -18.41
CA CYS A 351 -11.67 6.84 -18.42
C CYS A 351 -12.21 5.92 -19.50
N GLY A 352 -11.39 5.05 -20.08
CA GLY A 352 -11.83 4.08 -21.04
C GLY A 352 -11.64 4.49 -22.49
N LEU A 353 -11.71 5.78 -22.79
CA LEU A 353 -11.52 6.23 -24.16
C LEU A 353 -10.07 5.99 -24.61
N PHE A 354 -9.83 6.23 -25.90
CA PHE A 354 -8.52 6.04 -26.52
C PHE A 354 -8.07 4.59 -26.45
N ASP B 26 53.44 4.23 -12.72
CA ASP B 26 54.89 4.41 -12.76
C ASP B 26 55.61 3.26 -12.05
N GLN B 27 56.47 3.62 -11.09
CA GLN B 27 57.24 2.62 -10.37
C GLN B 27 56.40 1.80 -9.40
N LEU B 28 55.18 2.23 -9.11
CA LEU B 28 54.30 1.50 -8.20
C LEU B 28 53.16 0.76 -8.89
N ARG B 29 52.76 1.20 -10.09
CA ARG B 29 51.71 0.48 -10.82
C ARG B 29 52.16 -0.92 -11.19
N GLN B 30 53.42 -1.06 -11.61
CA GLN B 30 53.96 -2.39 -11.88
C GLN B 30 53.98 -3.25 -10.62
N GLU B 31 54.33 -2.65 -9.49
CA GLU B 31 54.30 -3.39 -8.23
C GLU B 31 52.90 -3.84 -7.88
N ALA B 32 51.90 -2.97 -8.11
CA ALA B 32 50.52 -3.36 -7.84
C ALA B 32 50.07 -4.49 -8.76
N GLU B 33 50.45 -4.42 -10.04
CA GLU B 33 50.10 -5.49 -10.96
C GLU B 33 50.74 -6.81 -10.56
N GLN B 34 52.02 -6.77 -10.13
CA GLN B 34 52.68 -7.97 -9.67
C GLN B 34 52.02 -8.53 -8.42
N LEU B 35 51.60 -7.64 -7.51
CA LEU B 35 50.91 -8.10 -6.30
C LEU B 35 49.58 -8.74 -6.66
N LYS B 36 48.85 -8.17 -7.61
CA LYS B 36 47.60 -8.78 -8.05
C LYS B 36 47.83 -10.15 -8.67
N ASN B 37 48.89 -10.28 -9.48
CA ASN B 37 49.22 -11.57 -10.06
C ASN B 37 49.58 -12.59 -8.98
N GLN B 38 50.33 -12.15 -7.97
CA GLN B 38 50.67 -13.05 -6.86
C GLN B 38 49.42 -13.48 -6.10
N ILE B 39 48.49 -12.55 -5.89
CA ILE B 39 47.23 -12.88 -5.23
C ILE B 39 46.47 -13.93 -6.03
N ARG B 40 46.38 -13.72 -7.35
CA ARG B 40 45.66 -14.67 -8.19
C ARG B 40 46.30 -16.05 -8.15
N ASP B 41 47.63 -16.11 -8.24
CA ASP B 41 48.32 -17.39 -8.21
C ASP B 41 48.15 -18.07 -6.86
N ALA B 42 48.23 -17.30 -5.76
CA ALA B 42 48.09 -17.89 -4.44
C ALA B 42 46.68 -18.44 -4.21
N ARG B 43 45.65 -17.69 -4.63
CA ARG B 43 44.29 -18.17 -4.46
C ARG B 43 43.92 -19.25 -5.46
N LYS B 44 44.68 -19.40 -6.55
CA LYS B 44 44.43 -20.47 -7.50
C LYS B 44 44.92 -21.82 -6.97
N ALA B 45 46.05 -21.81 -6.25
CA ALA B 45 46.65 -23.06 -5.78
C ALA B 45 45.78 -23.79 -4.76
N CYS B 46 44.86 -23.08 -4.10
CA CYS B 46 43.98 -23.71 -3.12
C CYS B 46 42.73 -24.32 -3.74
N ALA B 47 42.50 -24.10 -5.03
CA ALA B 47 41.31 -24.64 -5.70
C ALA B 47 41.57 -26.05 -6.23
N ASP B 48 41.83 -26.96 -5.28
CA ASP B 48 42.08 -28.36 -5.64
C ASP B 48 40.83 -29.01 -6.21
N ALA B 49 39.66 -28.72 -5.63
CA ALA B 49 38.42 -29.33 -6.08
C ALA B 49 37.33 -28.27 -6.25
N THR B 50 36.10 -28.70 -6.49
CA THR B 50 34.96 -27.80 -6.62
C THR B 50 33.82 -28.30 -5.75
N LEU B 51 33.02 -27.35 -5.25
CA LEU B 51 31.94 -27.71 -4.34
C LEU B 51 30.89 -28.56 -5.04
N SER B 52 30.61 -28.28 -6.32
CA SER B 52 29.62 -29.06 -7.06
C SER B 52 30.07 -30.52 -7.21
N GLN B 53 31.34 -30.72 -7.58
CA GLN B 53 31.86 -32.08 -7.75
C GLN B 53 32.02 -32.81 -6.42
N ILE B 54 32.03 -32.08 -5.31
CA ILE B 54 32.07 -32.72 -3.99
C ILE B 54 30.66 -33.10 -3.54
N THR B 55 29.70 -32.21 -3.75
CA THR B 55 28.34 -32.39 -3.26
C THR B 55 27.41 -33.07 -4.25
N ASN B 56 27.90 -33.47 -5.42
CA ASN B 56 26.96 -34.20 -6.28
C ASN B 56 26.68 -35.64 -5.80
N ASN B 57 27.13 -36.04 -4.61
CA ASN B 57 26.81 -37.34 -4.04
C ASN B 57 25.84 -37.22 -2.86
N ILE B 58 25.08 -36.14 -2.80
CA ILE B 58 24.12 -35.92 -1.73
C ILE B 58 22.72 -35.87 -2.32
N ASP B 59 21.74 -36.18 -1.48
CA ASP B 59 20.36 -36.25 -1.93
C ASP B 59 19.84 -34.86 -2.29
N PRO B 60 19.31 -34.67 -3.49
CA PRO B 60 18.73 -33.37 -3.83
C PRO B 60 17.48 -33.09 -3.00
N VAL B 61 17.24 -31.81 -2.74
CA VAL B 61 16.05 -31.38 -2.02
C VAL B 61 14.87 -31.42 -2.96
N GLY B 62 13.71 -31.81 -2.44
CA GLY B 62 12.52 -31.93 -3.26
C GLY B 62 12.01 -30.59 -3.74
N ARG B 63 11.04 -30.66 -4.65
CA ARG B 63 10.43 -29.45 -5.20
C ARG B 63 9.80 -28.63 -4.07
N ILE B 64 10.35 -27.46 -3.82
CA ILE B 64 9.93 -26.63 -2.70
C ILE B 64 8.69 -25.85 -3.12
N GLN B 65 7.55 -26.20 -2.55
CA GLN B 65 6.29 -25.50 -2.79
C GLN B 65 5.98 -24.63 -1.59
N MET B 66 5.84 -23.33 -1.81
CA MET B 66 5.53 -22.37 -0.76
C MET B 66 4.20 -21.71 -1.06
N ARG B 67 3.38 -21.58 -0.02
CA ARG B 67 2.04 -21.01 -0.14
C ARG B 67 1.97 -19.68 0.57
N THR B 68 1.19 -18.76 0.01
CA THR B 68 1.02 -17.42 0.58
C THR B 68 0.02 -17.50 1.73
N ARG B 69 0.51 -17.24 2.95
CA ARG B 69 -0.34 -17.27 4.12
C ARG B 69 -1.02 -15.92 4.39
N ARG B 70 -0.29 -14.83 4.22
CA ARG B 70 -0.81 -13.50 4.50
C ARG B 70 -0.41 -12.53 3.40
N THR B 71 -1.27 -11.55 3.16
CA THR B 71 -0.99 -10.45 2.25
C THR B 71 -1.22 -9.15 3.01
N LEU B 72 -0.18 -8.32 3.12
CA LEU B 72 -0.24 -7.10 3.90
C LEU B 72 -0.50 -5.92 2.96
N ARG B 73 -1.69 -5.35 3.04
CA ARG B 73 -2.08 -4.22 2.21
C ARG B 73 -2.15 -2.96 3.05
N GLY B 74 -1.97 -1.82 2.37
CA GLY B 74 -2.01 -0.53 3.05
C GLY B 74 -1.04 0.48 2.49
N HIS B 75 -0.01 0.00 1.80
CA HIS B 75 0.92 0.90 1.13
C HIS B 75 0.32 1.39 -0.18
N LEU B 76 0.52 2.67 -0.48
CA LEU B 76 -0.03 3.28 -1.68
C LEU B 76 1.06 3.69 -2.67
N ALA B 77 2.22 3.04 -2.61
CA ALA B 77 3.31 3.29 -3.54
C ALA B 77 4.28 2.12 -3.47
N LYS B 78 5.35 2.20 -4.27
CA LYS B 78 6.32 1.13 -4.31
C LYS B 78 6.95 0.92 -2.94
N ILE B 79 7.05 -0.34 -2.54
CA ILE B 79 7.71 -0.71 -1.29
C ILE B 79 9.19 -0.93 -1.59
N TYR B 80 10.05 -0.17 -0.93
CA TYR B 80 11.46 -0.16 -1.31
C TYR B 80 12.34 -0.97 -0.38
N ALA B 81 11.90 -1.26 0.84
CA ALA B 81 12.69 -2.07 1.75
C ALA B 81 11.79 -2.64 2.84
N MET B 82 12.31 -3.65 3.52
CA MET B 82 11.61 -4.27 4.64
C MET B 82 12.63 -4.96 5.52
N HIS B 83 12.24 -5.22 6.77
CA HIS B 83 13.13 -5.90 7.71
C HIS B 83 12.29 -6.58 8.78
N TRP B 84 12.70 -7.80 9.13
CA TRP B 84 12.03 -8.54 10.18
C TRP B 84 12.54 -8.12 11.55
N GLY B 85 11.68 -8.28 12.56
CA GLY B 85 12.11 -8.12 13.93
C GLY B 85 12.87 -9.34 14.42
N THR B 86 13.55 -9.16 15.56
CA THR B 86 14.30 -10.27 16.13
C THR B 86 13.39 -11.36 16.67
N ASP B 87 12.17 -11.00 17.08
CA ASP B 87 11.20 -11.97 17.54
C ASP B 87 10.49 -12.70 16.41
N SER B 88 10.75 -12.30 15.16
CA SER B 88 10.20 -12.94 13.97
C SER B 88 8.67 -12.91 13.95
N ARG B 89 8.09 -11.88 14.53
CA ARG B 89 6.65 -11.66 14.46
C ARG B 89 6.31 -10.30 13.88
N LEU B 90 7.03 -9.25 14.26
CA LEU B 90 6.82 -7.91 13.76
C LEU B 90 7.83 -7.61 12.67
N LEU B 91 7.38 -6.90 11.63
CA LEU B 91 8.27 -6.46 10.57
C LEU B 91 7.99 -5.00 10.26
N VAL B 92 8.96 -4.34 9.63
CA VAL B 92 8.88 -2.92 9.29
C VAL B 92 9.07 -2.79 7.78
N SER B 93 8.22 -1.98 7.15
CA SER B 93 8.26 -1.78 5.71
C SER B 93 8.26 -0.29 5.39
N ALA B 94 9.04 0.08 4.38
CA ALA B 94 9.19 1.47 3.95
C ALA B 94 8.67 1.62 2.53
N SER B 95 7.84 2.63 2.29
CA SER B 95 7.31 2.86 0.97
C SER B 95 7.69 4.25 0.46
N GLN B 96 7.64 4.41 -0.86
CA GLN B 96 8.00 5.67 -1.50
C GLN B 96 6.98 6.77 -1.26
N ASP B 97 5.82 6.45 -0.69
CA ASP B 97 4.83 7.45 -0.34
C ASP B 97 5.09 8.05 1.05
N GLY B 98 6.33 7.99 1.53
CA GLY B 98 6.69 8.59 2.81
C GLY B 98 6.02 7.94 3.99
N LYS B 99 6.02 6.61 4.03
CA LYS B 99 5.40 5.89 5.15
C LYS B 99 6.27 4.72 5.58
N LEU B 100 6.47 4.62 6.89
CA LEU B 100 7.00 3.44 7.54
C LEU B 100 5.86 2.76 8.27
N ILE B 101 5.67 1.46 8.04
CA ILE B 101 4.57 0.73 8.65
C ILE B 101 5.13 -0.49 9.38
N ILE B 102 4.70 -0.69 10.61
CA ILE B 102 5.10 -1.84 11.41
C ILE B 102 3.93 -2.81 11.46
N TRP B 103 4.13 -4.00 10.91
CA TRP B 103 3.08 -5.02 10.81
C TRP B 103 3.33 -6.12 11.83
N ASP B 104 2.27 -6.52 12.52
CA ASP B 104 2.24 -7.77 13.28
C ASP B 104 1.82 -8.85 12.30
N SER B 105 2.79 -9.65 11.84
CA SER B 105 2.55 -10.54 10.70
C SER B 105 1.54 -11.63 11.02
N TYR B 106 1.41 -12.01 12.30
CA TYR B 106 0.51 -13.10 12.65
C TYR B 106 -0.95 -12.72 12.40
N THR B 107 -1.30 -11.46 12.64
CA THR B 107 -2.67 -11.00 12.48
C THR B 107 -2.83 -9.88 11.46
N THR B 108 -1.76 -9.48 10.78
CA THR B 108 -1.79 -8.43 9.76
C THR B 108 -2.33 -7.11 10.31
N ASN B 109 -1.95 -6.78 11.54
CA ASN B 109 -2.36 -5.55 12.19
C ASN B 109 -1.25 -4.51 12.09
N LYS B 110 -1.63 -3.27 11.79
CA LYS B 110 -0.68 -2.17 11.69
C LYS B 110 -0.43 -1.63 13.10
N VAL B 111 0.70 -2.03 13.69
CA VAL B 111 1.04 -1.56 15.03
C VAL B 111 1.35 -0.07 15.02
N HIS B 112 2.17 0.37 14.07
CA HIS B 112 2.59 1.77 13.99
C HIS B 112 2.64 2.21 12.53
N ALA B 113 2.39 3.50 12.33
CA ALA B 113 2.47 4.11 11.00
C ALA B 113 3.18 5.46 11.15
N ILE B 114 4.48 5.46 10.88
CA ILE B 114 5.32 6.64 11.03
C ILE B 114 5.32 7.41 9.72
N PRO B 115 4.95 8.69 9.71
CA PRO B 115 5.13 9.51 8.50
C PRO B 115 6.51 10.13 8.44
N LEU B 116 7.23 9.89 7.35
CA LEU B 116 8.59 10.39 7.20
C LEU B 116 8.59 11.82 6.67
N ARG B 117 9.62 12.58 7.05
CA ARG B 117 9.76 13.94 6.54
C ARG B 117 10.01 13.95 5.04
N SER B 118 10.85 13.06 4.56
CA SER B 118 11.21 12.96 3.14
C SER B 118 10.61 11.67 2.57
N SER B 119 9.83 11.80 1.51
CA SER B 119 9.16 10.65 0.91
C SER B 119 10.11 9.76 0.12
N TRP B 120 11.34 10.19 -0.13
CA TRP B 120 12.29 9.44 -0.95
C TRP B 120 13.14 8.57 -0.03
N VAL B 121 12.64 7.37 0.27
CA VAL B 121 13.28 6.44 1.18
C VAL B 121 13.52 5.13 0.44
N MET B 122 14.74 4.59 0.55
CA MET B 122 15.08 3.34 -0.11
C MET B 122 15.66 2.30 0.83
N THR B 123 15.52 2.47 2.14
CA THR B 123 16.03 1.50 3.08
C THR B 123 15.28 1.63 4.40
N CYS B 124 15.34 0.57 5.19
CA CYS B 124 14.74 0.56 6.52
C CYS B 124 15.41 -0.54 7.32
N ALA B 125 15.38 -0.39 8.65
CA ALA B 125 16.01 -1.35 9.54
C ALA B 125 15.21 -1.44 10.83
N TYR B 126 15.36 -2.58 11.50
CA TYR B 126 14.73 -2.84 12.78
C TYR B 126 15.82 -3.13 13.80
N ALA B 127 15.77 -2.43 14.94
CA ALA B 127 16.77 -2.64 15.98
C ALA B 127 16.65 -4.05 16.56
N PRO B 128 17.77 -4.66 16.93
CA PRO B 128 17.70 -6.01 17.51
C PRO B 128 16.87 -6.08 18.77
N SER B 129 16.89 -5.03 19.61
CA SER B 129 16.05 -4.99 20.80
C SER B 129 14.65 -4.50 20.52
N GLY B 130 14.37 -3.99 19.32
CA GLY B 130 13.04 -3.56 18.95
C GLY B 130 12.65 -2.18 19.43
N ASN B 131 13.57 -1.43 20.04
CA ASN B 131 13.21 -0.12 20.56
C ASN B 131 13.24 0.97 19.49
N TYR B 132 14.05 0.80 18.45
CA TYR B 132 14.23 1.84 17.44
C TYR B 132 14.04 1.27 16.05
N VAL B 133 13.77 2.17 15.10
CA VAL B 133 13.78 1.87 13.68
C VAL B 133 14.61 2.93 12.98
N ALA B 134 15.08 2.61 11.79
CA ALA B 134 15.90 3.51 11.01
C ALA B 134 15.40 3.58 9.57
N CYS B 135 15.54 4.76 8.97
CA CYS B 135 15.14 4.97 7.59
C CYS B 135 16.14 5.90 6.90
N GLY B 136 16.21 5.81 5.59
CA GLY B 136 17.11 6.64 4.83
C GLY B 136 16.81 6.58 3.35
N GLY B 137 17.31 7.58 2.63
CA GLY B 137 17.05 7.66 1.21
C GLY B 137 17.84 8.73 0.48
N LEU B 138 17.17 9.44 -0.44
CA LEU B 138 17.83 10.42 -1.28
C LEU B 138 18.21 11.69 -0.54
N ASP B 139 17.77 11.86 0.70
CA ASP B 139 18.09 13.05 1.47
C ASP B 139 19.43 12.94 2.21
N ASN B 140 20.14 11.83 2.06
CA ASN B 140 21.48 11.63 2.63
C ASN B 140 21.47 11.70 4.16
N ILE B 141 20.33 11.44 4.79
CA ILE B 141 20.20 11.51 6.24
C ILE B 141 19.56 10.22 6.73
N CYS B 142 20.13 9.64 7.78
CA CYS B 142 19.57 8.45 8.41
C CYS B 142 18.76 8.88 9.63
N SER B 143 17.47 8.63 9.59
CA SER B 143 16.56 9.02 10.66
C SER B 143 16.32 7.82 11.57
N ILE B 144 16.55 8.01 12.87
CA ILE B 144 16.35 6.99 13.88
C ILE B 144 15.14 7.39 14.71
N TYR B 145 14.11 6.55 14.68
CA TYR B 145 12.85 6.77 15.38
C TYR B 145 12.75 5.86 16.60
N ASN B 146 12.31 6.41 17.71
CA ASN B 146 12.15 5.68 18.96
C ASN B 146 10.72 5.21 19.11
N LEU B 147 10.53 3.91 19.28
CA LEU B 147 9.19 3.32 19.33
C LEU B 147 8.58 3.36 20.73
N LYS B 148 9.37 3.04 21.76
CA LYS B 148 8.88 3.00 23.14
C LYS B 148 9.02 4.37 23.75
N THR B 149 7.93 5.13 23.80
CA THR B 149 7.92 6.46 24.36
C THR B 149 6.84 6.57 25.42
N ARG B 150 7.06 7.46 26.39
CA ARG B 150 6.06 7.72 27.42
C ARG B 150 4.91 8.56 26.90
N GLU B 151 5.09 9.25 25.78
CA GLU B 151 4.04 10.09 25.22
C GLU B 151 3.05 9.31 24.37
N GLY B 152 3.31 8.04 24.10
CA GLY B 152 2.39 7.22 23.34
C GLY B 152 2.51 7.32 21.83
N ASN B 153 3.49 8.05 21.32
CA ASN B 153 3.68 8.20 19.89
C ASN B 153 5.16 8.06 19.55
N VAL B 154 5.42 7.70 18.29
CA VAL B 154 6.79 7.51 17.81
C VAL B 154 7.35 8.87 17.40
N ARG B 155 8.49 9.23 17.97
CA ARG B 155 9.16 10.49 17.68
C ARG B 155 10.57 10.23 17.17
N VAL B 156 11.01 11.06 16.23
CA VAL B 156 12.34 10.89 15.63
C VAL B 156 13.39 11.17 16.69
N SER B 157 14.12 10.14 17.09
CA SER B 157 15.12 10.29 18.14
C SER B 157 16.38 10.96 17.64
N ARG B 158 16.79 10.67 16.40
CA ARG B 158 18.06 11.19 15.90
C ARG B 158 17.99 11.35 14.39
N GLU B 159 18.80 12.25 13.86
CA GLU B 159 18.94 12.47 12.42
C GLU B 159 20.42 12.54 12.09
N LEU B 160 21.02 11.40 11.77
CA LEU B 160 22.44 11.33 11.45
C LEU B 160 22.69 11.87 10.04
N ALA B 161 23.61 12.81 9.93
CA ALA B 161 23.98 13.41 8.65
C ALA B 161 25.49 13.46 8.53
N GLY B 162 25.96 13.51 7.29
CA GLY B 162 27.38 13.51 7.02
C GLY B 162 27.74 12.76 5.75
N HIS B 163 26.84 11.90 5.29
CA HIS B 163 27.01 11.26 4.00
C HIS B 163 26.77 12.26 2.88
N THR B 164 27.53 12.13 1.80
CA THR B 164 27.38 12.99 0.64
C THR B 164 26.63 12.33 -0.49
N GLY B 165 26.00 11.18 -0.23
CA GLY B 165 25.23 10.49 -1.25
C GLY B 165 24.01 9.83 -0.65
N TYR B 166 23.16 9.31 -1.53
CA TYR B 166 21.92 8.67 -1.10
C TYR B 166 22.22 7.44 -0.26
N LEU B 167 21.49 7.29 0.84
CA LEU B 167 21.61 6.09 1.67
C LEU B 167 21.05 4.90 0.94
N SER B 168 21.79 3.78 0.95
CA SER B 168 21.36 2.57 0.27
C SER B 168 21.05 1.43 1.22
N CYS B 169 21.73 1.34 2.35
CA CYS B 169 21.46 0.28 3.32
C CYS B 169 22.00 0.72 4.68
N CYS B 170 21.21 0.48 5.72
CA CYS B 170 21.59 0.78 7.09
C CYS B 170 21.21 -0.39 7.98
N ARG B 171 22.14 -0.82 8.83
CA ARG B 171 21.93 -1.98 9.69
C ARG B 171 22.31 -1.62 11.12
N PHE B 172 21.39 -1.87 12.05
CA PHE B 172 21.68 -1.67 13.46
C PHE B 172 22.69 -2.71 13.94
N LEU B 173 23.53 -2.30 14.89
CA LEU B 173 24.58 -3.17 15.41
C LEU B 173 24.30 -3.62 16.83
N ASP B 174 24.16 -2.69 17.78
CA ASP B 174 23.89 -3.06 19.17
C ASP B 174 22.87 -2.14 19.84
N ASP B 175 21.97 -1.53 19.07
CA ASP B 175 20.95 -0.58 19.50
C ASP B 175 21.52 0.77 19.89
N ASN B 176 22.85 0.95 19.81
CA ASN B 176 23.46 2.26 20.05
C ASN B 176 24.41 2.69 18.94
N GLN B 177 24.81 1.79 18.05
CA GLN B 177 25.64 2.13 16.91
C GLN B 177 25.03 1.49 15.67
N ILE B 178 25.19 2.17 14.53
CA ILE B 178 24.55 1.75 13.29
C ILE B 178 25.55 1.91 12.15
N VAL B 179 25.54 0.95 11.22
CA VAL B 179 26.40 0.96 10.05
C VAL B 179 25.54 1.35 8.84
N THR B 180 26.03 2.31 8.07
CA THR B 180 25.32 2.83 6.91
C THR B 180 26.21 2.77 5.69
N SER B 181 25.58 2.71 4.51
CA SER B 181 26.27 2.75 3.23
C SER B 181 25.54 3.73 2.32
N SER B 182 26.30 4.45 1.50
CA SER B 182 25.73 5.49 0.67
C SER B 182 26.32 5.42 -0.74
N GLY B 183 25.83 6.27 -1.62
CA GLY B 183 26.29 6.36 -2.98
C GLY B 183 27.56 7.14 -3.17
N ASP B 184 28.16 7.65 -2.09
CA ASP B 184 29.44 8.33 -2.15
C ASP B 184 30.60 7.36 -2.03
N THR B 185 30.39 6.08 -2.34
CA THR B 185 31.41 5.04 -2.37
C THR B 185 32.07 4.80 -1.02
N THR B 186 31.39 5.15 0.07
CA THR B 186 31.92 4.96 1.41
C THR B 186 30.87 4.36 2.32
N CYS B 187 31.33 3.69 3.36
CA CYS B 187 30.48 3.21 4.45
C CYS B 187 30.85 3.93 5.74
N ALA B 188 29.96 3.90 6.71
CA ALA B 188 30.19 4.59 7.97
C ALA B 188 29.64 3.77 9.12
N LEU B 189 30.26 3.95 10.29
CA LEU B 189 29.77 3.40 11.54
C LEU B 189 29.59 4.56 12.51
N TRP B 190 28.36 4.78 12.95
CA TRP B 190 27.96 5.97 13.70
C TRP B 190 27.87 5.67 15.19
N ASP B 191 27.69 6.74 15.96
CA ASP B 191 27.37 6.68 17.38
C ASP B 191 26.10 7.48 17.60
N ILE B 192 25.02 6.80 17.95
CA ILE B 192 23.69 7.43 17.94
C ILE B 192 23.59 8.53 18.98
N GLU B 193 24.14 8.32 20.17
CA GLU B 193 23.97 9.36 21.22
C GLU B 193 24.59 10.66 20.73
N THR B 194 25.75 10.59 20.09
CA THR B 194 26.44 11.81 19.67
C THR B 194 26.18 12.19 18.22
N GLY B 195 25.73 11.25 17.39
CA GLY B 195 25.44 11.56 16.00
C GLY B 195 26.65 11.79 15.13
N GLN B 196 27.81 11.26 15.51
CA GLN B 196 29.05 11.47 14.77
C GLN B 196 29.57 10.14 14.25
N GLN B 197 30.24 10.20 13.10
CA GLN B 197 30.81 9.02 12.47
C GLN B 197 31.96 8.50 13.32
N THR B 198 31.74 7.39 14.03
CA THR B 198 32.82 6.77 14.77
C THR B 198 33.90 6.25 13.83
N THR B 199 33.50 5.62 12.72
CA THR B 199 34.46 5.08 11.77
C THR B 199 33.95 5.31 10.35
N THR B 200 34.89 5.42 9.42
CA THR B 200 34.57 5.56 8.00
C THR B 200 35.35 4.53 7.21
N PHE B 201 34.65 3.73 6.42
CA PHE B 201 35.24 2.69 5.59
C PHE B 201 35.29 3.17 4.16
N THR B 202 36.49 3.26 3.60
CA THR B 202 36.71 3.69 2.23
C THR B 202 37.55 2.66 1.50
N GLY B 203 37.43 2.66 0.17
CA GLY B 203 38.16 1.72 -0.65
C GLY B 203 37.37 1.25 -1.85
N HIS B 204 36.05 1.38 -1.79
CA HIS B 204 35.23 1.07 -2.95
C HIS B 204 35.38 2.13 -4.02
N THR B 205 35.15 1.74 -5.27
CA THR B 205 35.24 2.65 -6.40
C THR B 205 33.87 3.18 -6.83
N GLY B 206 32.87 2.31 -6.94
CA GLY B 206 31.53 2.71 -7.28
C GLY B 206 30.63 2.83 -6.05
N ASP B 207 29.37 3.15 -6.32
CA ASP B 207 28.40 3.32 -5.24
C ASP B 207 28.17 1.99 -4.54
N VAL B 208 28.16 2.02 -3.21
CA VAL B 208 27.86 0.83 -2.43
C VAL B 208 26.35 0.64 -2.40
N MET B 209 25.89 -0.56 -2.78
CA MET B 209 24.47 -0.80 -2.92
C MET B 209 23.86 -1.58 -1.76
N SER B 210 24.66 -2.29 -0.97
CA SER B 210 24.12 -3.07 0.13
C SER B 210 25.25 -3.46 1.08
N LEU B 211 24.84 -3.94 2.25
CA LEU B 211 25.77 -4.49 3.22
C LEU B 211 25.02 -5.51 4.08
N SER B 212 25.78 -6.38 4.74
CA SER B 212 25.20 -7.39 5.61
C SER B 212 26.20 -7.69 6.72
N LEU B 213 25.75 -7.55 7.97
CA LEU B 213 26.60 -7.82 9.11
C LEU B 213 26.81 -9.31 9.32
N ALA B 214 27.95 -9.67 9.88
CA ALA B 214 28.19 -11.05 10.27
C ALA B 214 27.27 -11.42 11.43
N PRO B 215 26.98 -12.72 11.60
CA PRO B 215 26.10 -13.12 12.70
C PRO B 215 26.59 -12.67 14.07
N ASP B 216 27.91 -12.62 14.29
CA ASP B 216 28.46 -12.14 15.54
C ASP B 216 28.71 -10.64 15.55
N THR B 217 28.35 -9.94 14.47
CA THR B 217 28.50 -8.49 14.36
C THR B 217 29.94 -8.06 14.62
N ARG B 218 30.89 -8.83 14.10
CA ARG B 218 32.31 -8.46 14.17
C ARG B 218 32.83 -7.92 12.85
N LEU B 219 32.48 -8.56 11.73
CA LEU B 219 32.81 -8.10 10.40
C LEU B 219 31.52 -7.88 9.62
N PHE B 220 31.67 -7.31 8.43
CA PHE B 220 30.54 -7.23 7.50
C PHE B 220 31.08 -7.16 6.08
N VAL B 221 30.18 -7.28 5.12
CA VAL B 221 30.54 -7.29 3.70
C VAL B 221 29.73 -6.22 3.00
N SER B 222 30.37 -5.48 2.09
CA SER B 222 29.73 -4.44 1.32
C SER B 222 29.97 -4.69 -0.16
N GLY B 223 28.89 -4.67 -0.95
CA GLY B 223 28.96 -4.83 -2.38
C GLY B 223 28.73 -3.51 -3.08
N ALA B 224 29.58 -3.19 -4.05
CA ALA B 224 29.54 -1.90 -4.71
C ALA B 224 29.15 -2.05 -6.18
N CYS B 225 29.02 -0.92 -6.85
CA CYS B 225 28.64 -0.90 -8.26
C CYS B 225 29.82 -1.20 -9.18
N ASP B 226 31.04 -1.31 -8.65
CA ASP B 226 32.20 -1.67 -9.43
C ASP B 226 32.39 -3.18 -9.54
N ALA B 227 31.32 -3.96 -9.32
CA ALA B 227 31.38 -5.42 -9.36
C ALA B 227 32.42 -5.96 -8.40
N SER B 228 32.35 -5.51 -7.14
CA SER B 228 33.30 -5.95 -6.14
C SER B 228 32.64 -5.95 -4.76
N ALA B 229 33.03 -6.93 -3.95
CA ALA B 229 32.62 -7.01 -2.56
C ALA B 229 33.83 -6.88 -1.67
N LYS B 230 33.66 -6.25 -0.52
CA LYS B 230 34.75 -6.03 0.42
C LYS B 230 34.34 -6.50 1.80
N LEU B 231 35.25 -7.17 2.49
CA LEU B 231 35.02 -7.66 3.85
C LEU B 231 35.67 -6.68 4.82
N TRP B 232 34.86 -5.84 5.45
CA TRP B 232 35.34 -4.86 6.41
C TRP B 232 35.30 -5.43 7.81
N ASP B 233 36.30 -5.08 8.61
CA ASP B 233 36.31 -5.35 10.03
C ASP B 233 35.84 -4.11 10.76
N VAL B 234 34.84 -4.27 11.64
CA VAL B 234 34.22 -3.12 12.28
C VAL B 234 35.26 -2.35 13.10
N ARG B 235 36.08 -3.06 13.86
CA ARG B 235 37.18 -2.42 14.58
C ARG B 235 38.27 -2.01 13.61
N GLU B 236 38.90 -0.87 13.90
CA GLU B 236 40.06 -0.34 13.18
C GLU B 236 39.71 0.16 11.79
N GLY B 237 38.48 -0.06 11.35
CA GLY B 237 38.06 0.40 10.03
C GLY B 237 38.92 -0.11 8.91
N MET B 238 39.33 -1.38 8.98
CA MET B 238 40.28 -1.96 8.04
C MET B 238 39.59 -2.99 7.16
N CYS B 239 40.03 -3.09 5.92
CA CYS B 239 39.46 -4.01 4.95
C CYS B 239 40.30 -5.29 4.93
N ARG B 240 39.64 -6.43 5.14
CA ARG B 240 40.35 -7.70 5.17
C ARG B 240 40.60 -8.24 3.77
N GLN B 241 39.53 -8.55 3.03
CA GLN B 241 39.64 -9.18 1.74
C GLN B 241 38.71 -8.52 0.74
N THR B 242 39.02 -8.70 -0.54
CA THR B 242 38.22 -8.17 -1.64
C THR B 242 37.91 -9.30 -2.61
N PHE B 243 36.63 -9.44 -2.97
CA PHE B 243 36.17 -10.49 -3.85
C PHE B 243 35.63 -9.88 -5.14
N THR B 244 36.07 -10.43 -6.27
CA THR B 244 35.61 -10.04 -7.59
C THR B 244 35.11 -11.28 -8.32
N GLY B 245 34.57 -11.06 -9.51
CA GLY B 245 34.04 -12.17 -10.30
C GLY B 245 32.74 -11.81 -11.01
N HIS B 246 32.00 -10.87 -10.45
CA HIS B 246 30.78 -10.41 -11.10
C HIS B 246 31.10 -9.61 -12.35
N GLU B 247 30.10 -9.49 -13.23
CA GLU B 247 30.24 -8.74 -14.46
C GLU B 247 29.46 -7.43 -14.45
N SER B 248 28.63 -7.19 -13.45
CA SER B 248 27.85 -5.96 -13.34
C SER B 248 27.79 -5.54 -11.87
N ASP B 249 27.04 -4.47 -11.62
CA ASP B 249 26.93 -3.94 -10.27
C ASP B 249 26.20 -4.91 -9.35
N ILE B 250 26.70 -5.06 -8.14
CA ILE B 250 26.09 -5.93 -7.15
C ILE B 250 24.97 -5.17 -6.44
N ASN B 251 23.77 -5.76 -6.42
CA ASN B 251 22.62 -5.12 -5.81
C ASN B 251 22.24 -5.67 -4.45
N ALA B 252 22.73 -6.85 -4.08
CA ALA B 252 22.34 -7.47 -2.83
C ALA B 252 23.48 -8.34 -2.30
N ILE B 253 23.42 -8.62 -1.00
CA ILE B 253 24.43 -9.44 -0.33
C ILE B 253 23.78 -10.04 0.90
N CYS B 254 24.33 -11.18 1.34
CA CYS B 254 23.79 -11.86 2.52
C CYS B 254 24.82 -12.86 3.02
N PHE B 255 25.12 -12.80 4.32
CA PHE B 255 26.03 -13.75 4.93
C PHE B 255 25.40 -15.14 5.02
N PHE B 256 26.24 -16.15 4.88
CA PHE B 256 25.84 -17.51 5.21
C PHE B 256 25.58 -17.61 6.71
N PRO B 257 24.60 -18.41 7.13
CA PRO B 257 24.32 -18.53 8.57
C PRO B 257 25.52 -18.98 9.38
N ASN B 258 26.40 -19.81 8.80
CA ASN B 258 27.61 -20.21 9.50
C ASN B 258 28.53 -19.03 9.76
N GLY B 259 28.45 -17.98 8.94
CA GLY B 259 29.31 -16.84 9.06
C GLY B 259 30.64 -16.93 8.35
N ASN B 260 30.89 -18.01 7.62
CA ASN B 260 32.14 -18.20 6.90
C ASN B 260 31.97 -18.13 5.40
N ALA B 261 30.82 -17.66 4.92
CA ALA B 261 30.55 -17.56 3.49
C ALA B 261 29.47 -16.51 3.28
N PHE B 262 29.26 -16.14 2.02
CA PHE B 262 28.19 -15.21 1.69
C PHE B 262 27.83 -15.35 0.21
N ALA B 263 26.72 -14.72 -0.16
CA ALA B 263 26.20 -14.78 -1.52
C ALA B 263 25.85 -13.38 -1.99
N THR B 264 26.14 -13.12 -3.27
CA THR B 264 25.91 -11.81 -3.88
C THR B 264 25.09 -11.96 -5.15
N GLY B 265 24.14 -11.06 -5.34
CA GLY B 265 23.38 -10.98 -6.58
C GLY B 265 23.67 -9.67 -7.29
N SER B 266 23.70 -9.71 -8.61
CA SER B 266 24.06 -8.54 -9.39
C SER B 266 23.10 -8.41 -10.56
N ASP B 267 23.40 -7.48 -11.46
CA ASP B 267 22.54 -7.19 -12.61
C ASP B 267 22.73 -8.16 -13.76
N ASP B 268 23.77 -8.98 -13.74
CA ASP B 268 23.98 -9.98 -14.79
C ASP B 268 23.18 -11.26 -14.57
N ALA B 269 22.18 -11.22 -13.68
CA ALA B 269 21.26 -12.33 -13.45
C ALA B 269 21.98 -13.58 -12.94
N THR B 270 23.07 -13.40 -12.18
CA THR B 270 23.79 -14.50 -11.59
C THR B 270 24.02 -14.25 -10.11
N CYS B 271 23.84 -15.30 -9.31
CA CYS B 271 24.22 -15.28 -7.90
C CYS B 271 25.57 -15.95 -7.74
N ARG B 272 26.40 -15.41 -6.85
CA ARG B 272 27.71 -15.99 -6.59
C ARG B 272 27.87 -16.25 -5.10
N LEU B 273 28.25 -17.46 -4.75
CA LEU B 273 28.54 -17.84 -3.38
C LEU B 273 30.05 -17.92 -3.20
N PHE B 274 30.58 -17.07 -2.32
CA PHE B 274 31.98 -17.03 -1.95
C PHE B 274 32.14 -17.51 -0.51
N ASP B 275 33.35 -17.92 -0.17
CA ASP B 275 33.71 -18.29 1.19
C ASP B 275 34.87 -17.43 1.67
N LEU B 276 34.83 -17.08 2.96
CA LEU B 276 35.82 -16.14 3.50
C LEU B 276 37.19 -16.80 3.66
N ARG B 277 37.22 -18.04 4.14
CA ARG B 277 38.50 -18.68 4.45
C ARG B 277 39.29 -19.01 3.18
N ALA B 278 38.63 -19.62 2.20
CA ALA B 278 39.33 -19.93 0.95
C ALA B 278 39.62 -18.68 0.12
N ASP B 279 38.89 -17.59 0.38
CA ASP B 279 39.15 -16.28 -0.24
C ASP B 279 39.07 -16.37 -1.76
N GLN B 280 38.01 -17.02 -2.24
CA GLN B 280 37.75 -17.09 -3.67
C GLN B 280 36.31 -17.58 -3.88
N GLU B 281 35.89 -17.57 -5.14
CA GLU B 281 34.54 -17.99 -5.49
C GLU B 281 34.34 -19.48 -5.22
N LEU B 282 33.11 -19.84 -4.85
CA LEU B 282 32.73 -21.23 -4.65
C LEU B 282 31.71 -21.71 -5.67
N MET B 283 30.58 -21.00 -5.81
CA MET B 283 29.56 -21.44 -6.76
C MET B 283 28.94 -20.25 -7.48
N THR B 284 28.35 -20.54 -8.63
CA THR B 284 27.54 -19.59 -9.38
C THR B 284 26.19 -20.21 -9.69
N TYR B 285 25.12 -19.46 -9.43
CA TYR B 285 23.75 -19.87 -9.71
C TYR B 285 23.21 -19.00 -10.82
N SER B 286 22.93 -19.60 -11.98
CA SER B 286 22.40 -18.89 -13.12
C SER B 286 21.58 -19.84 -13.98
N HIS B 287 20.71 -19.26 -14.80
CA HIS B 287 19.84 -20.03 -15.68
C HIS B 287 19.78 -19.35 -17.04
N ASP B 288 19.52 -20.17 -18.07
CA ASP B 288 19.42 -19.63 -19.42
C ASP B 288 18.18 -18.77 -19.60
N ASN B 289 17.10 -19.07 -18.87
CA ASN B 289 15.86 -18.35 -19.00
C ASN B 289 15.80 -17.07 -18.17
N ILE B 290 16.84 -16.78 -17.39
CA ILE B 290 16.88 -15.60 -16.53
C ILE B 290 17.89 -14.62 -17.13
N ILE B 291 17.44 -13.40 -17.40
CA ILE B 291 18.29 -12.37 -17.97
C ILE B 291 18.16 -11.09 -17.17
N CYS B 292 17.13 -11.02 -16.32
CA CYS B 292 16.89 -9.85 -15.50
C CYS B 292 17.73 -9.88 -14.24
N GLY B 293 18.14 -8.71 -13.76
CA GLY B 293 19.00 -8.62 -12.61
C GLY B 293 18.30 -9.02 -11.32
N ILE B 294 19.11 -9.17 -10.28
CA ILE B 294 18.66 -9.61 -8.96
C ILE B 294 18.61 -8.40 -8.05
N THR B 295 17.49 -8.24 -7.32
CA THR B 295 17.32 -7.11 -6.43
C THR B 295 17.53 -7.46 -4.96
N SER B 296 17.44 -8.74 -4.59
CA SER B 296 17.54 -9.13 -3.19
C SER B 296 17.98 -10.57 -3.10
N VAL B 297 18.71 -10.89 -2.03
CA VAL B 297 19.21 -12.24 -1.77
C VAL B 297 19.09 -12.52 -0.28
N SER B 298 18.58 -13.69 0.08
CA SER B 298 18.51 -14.11 1.47
C SER B 298 18.69 -15.62 1.53
N PHE B 299 19.17 -16.09 2.68
CA PHE B 299 19.43 -17.50 2.91
C PHE B 299 18.29 -18.09 3.73
N SER B 300 18.44 -19.34 4.14
CA SER B 300 17.50 -20.03 5.00
C SER B 300 18.14 -20.24 6.37
N LYS B 301 17.37 -20.84 7.28
CA LYS B 301 17.87 -21.05 8.65
C LYS B 301 19.06 -21.99 8.66
N SER B 302 19.00 -23.06 7.87
CA SER B 302 20.09 -24.02 7.80
C SER B 302 21.11 -23.70 6.73
N GLY B 303 20.82 -22.74 5.85
CA GLY B 303 21.72 -22.39 4.77
C GLY B 303 21.63 -23.29 3.55
N ARG B 304 20.70 -24.25 3.52
CA ARG B 304 20.60 -25.13 2.37
C ARG B 304 19.94 -24.43 1.18
N LEU B 305 18.95 -23.58 1.45
CA LEU B 305 18.22 -22.88 0.40
C LEU B 305 18.77 -21.47 0.21
N LEU B 306 18.52 -20.92 -0.97
CA LEU B 306 18.93 -19.56 -1.30
C LEU B 306 17.78 -18.86 -2.01
N LEU B 307 17.24 -17.82 -1.39
CA LEU B 307 16.13 -17.06 -1.95
C LEU B 307 16.69 -15.86 -2.71
N ALA B 308 16.21 -15.66 -3.94
CA ALA B 308 16.70 -14.56 -4.77
C ALA B 308 15.54 -13.95 -5.53
N GLY B 309 15.33 -12.65 -5.36
CA GLY B 309 14.27 -11.95 -6.07
C GLY B 309 14.81 -11.29 -7.33
N TYR B 310 14.08 -11.46 -8.42
CA TYR B 310 14.49 -10.95 -9.73
C TYR B 310 13.53 -9.85 -10.18
N ASP B 311 13.80 -9.33 -11.37
CA ASP B 311 12.97 -8.29 -11.97
C ASP B 311 11.86 -8.84 -12.85
N ASP B 312 11.79 -10.16 -13.05
CA ASP B 312 10.73 -10.78 -13.82
C ASP B 312 9.49 -11.07 -12.99
N PHE B 313 9.32 -10.36 -11.88
CA PHE B 313 8.11 -10.32 -11.05
C PHE B 313 7.97 -11.54 -10.15
N ASN B 314 8.99 -12.39 -10.04
CA ASN B 314 8.90 -13.54 -9.15
C ASN B 314 10.27 -13.84 -8.55
N CYS B 315 10.27 -14.64 -7.49
CA CYS B 315 11.48 -15.02 -6.79
C CYS B 315 11.81 -16.49 -7.06
N ASN B 316 13.07 -16.85 -6.81
CA ASN B 316 13.55 -18.20 -7.07
C ASN B 316 14.22 -18.75 -5.82
N VAL B 317 13.96 -20.02 -5.53
CA VAL B 317 14.58 -20.75 -4.43
C VAL B 317 15.55 -21.74 -5.05
N TRP B 318 16.84 -21.51 -4.83
CA TRP B 318 17.93 -22.32 -5.34
C TRP B 318 18.44 -23.26 -4.26
N ASP B 319 18.95 -24.41 -4.69
CA ASP B 319 19.70 -25.30 -3.81
C ASP B 319 21.13 -24.76 -3.70
N ALA B 320 21.49 -24.27 -2.52
CA ALA B 320 22.78 -23.62 -2.35
C ALA B 320 23.96 -24.58 -2.50
N LEU B 321 23.71 -25.89 -2.45
CA LEU B 321 24.77 -26.87 -2.57
C LEU B 321 24.75 -27.64 -3.89
N LYS B 322 23.70 -27.47 -4.71
CA LYS B 322 23.61 -28.18 -5.98
C LYS B 322 23.45 -27.25 -7.18
N ALA B 323 23.21 -25.95 -6.97
CA ALA B 323 23.10 -24.97 -8.04
C ALA B 323 22.00 -25.35 -9.04
N ASP B 324 20.88 -25.84 -8.53
CA ASP B 324 19.71 -26.11 -9.35
C ASP B 324 18.48 -25.49 -8.69
N ARG B 325 17.52 -25.09 -9.53
CA ARG B 325 16.34 -24.41 -9.02
C ARG B 325 15.46 -25.39 -8.25
N ALA B 326 15.23 -25.10 -6.98
CA ALA B 326 14.36 -25.92 -6.16
C ALA B 326 12.90 -25.45 -6.18
N GLY B 327 12.68 -24.17 -6.44
CA GLY B 327 11.31 -23.69 -6.49
C GLY B 327 11.21 -22.29 -7.06
N VAL B 328 9.98 -21.89 -7.34
CA VAL B 328 9.68 -20.55 -7.85
C VAL B 328 8.51 -19.98 -7.05
N LEU B 329 8.66 -18.76 -6.58
CA LEU B 329 7.65 -18.05 -5.80
C LEU B 329 7.10 -16.93 -6.67
N ALA B 330 5.94 -17.17 -7.27
CA ALA B 330 5.27 -16.20 -8.13
C ALA B 330 4.00 -15.70 -7.47
N GLY B 331 3.56 -14.52 -7.88
CA GLY B 331 2.39 -13.92 -7.28
C GLY B 331 2.49 -12.42 -7.12
N HIS B 332 3.61 -11.84 -7.51
CA HIS B 332 3.80 -10.39 -7.46
C HIS B 332 3.67 -9.82 -8.87
N ASP B 333 2.98 -8.69 -8.97
CA ASP B 333 2.67 -8.07 -10.26
C ASP B 333 3.74 -7.11 -10.74
N ASN B 334 4.80 -6.90 -9.95
CA ASN B 334 5.86 -5.99 -10.35
C ASN B 334 7.17 -6.51 -9.79
N ARG B 335 8.24 -5.76 -10.02
CA ARG B 335 9.58 -6.18 -9.61
C ARG B 335 9.64 -6.38 -8.10
N VAL B 336 10.19 -7.50 -7.68
CA VAL B 336 10.35 -7.79 -6.26
C VAL B 336 11.55 -6.98 -5.75
N SER B 337 11.29 -6.10 -4.78
CA SER B 337 12.30 -5.15 -4.32
C SER B 337 12.93 -5.55 -3.00
N CYS B 338 12.17 -6.15 -2.08
CA CYS B 338 12.71 -6.52 -0.78
C CYS B 338 12.33 -7.96 -0.45
N LEU B 339 13.18 -8.61 0.33
CA LEU B 339 12.99 -10.01 0.67
C LEU B 339 13.70 -10.30 1.99
N GLY B 340 13.02 -11.04 2.86
CA GLY B 340 13.59 -11.35 4.17
C GLY B 340 13.10 -12.69 4.68
N VAL B 341 13.90 -13.28 5.55
CA VAL B 341 13.59 -14.56 6.19
C VAL B 341 13.67 -14.38 7.69
N THR B 342 12.68 -14.92 8.41
CA THR B 342 12.63 -14.78 9.85
C THR B 342 13.83 -15.45 10.50
N ASP B 343 14.09 -15.07 11.76
CA ASP B 343 15.23 -15.64 12.48
C ASP B 343 15.05 -17.13 12.73
N ASP B 344 13.82 -17.57 12.99
CA ASP B 344 13.53 -18.98 13.18
C ASP B 344 13.22 -19.70 11.87
N GLY B 345 13.22 -18.98 10.75
CA GLY B 345 13.01 -19.62 9.46
C GLY B 345 11.61 -20.11 9.21
N MET B 346 10.62 -19.57 9.91
CA MET B 346 9.24 -20.04 9.75
C MET B 346 8.60 -19.54 8.47
N ALA B 347 8.96 -18.33 8.01
CA ALA B 347 8.27 -17.74 6.87
C ALA B 347 9.23 -16.83 6.11
N VAL B 348 8.86 -16.53 4.87
CA VAL B 348 9.63 -15.65 4.00
C VAL B 348 8.73 -14.49 3.57
N ALA B 349 9.19 -13.27 3.82
CA ALA B 349 8.41 -12.09 3.47
C ALA B 349 9.00 -11.42 2.24
N THR B 350 8.17 -11.19 1.23
CA THR B 350 8.59 -10.58 -0.03
C THR B 350 7.75 -9.36 -0.32
N GLY B 351 8.40 -8.29 -0.78
CA GLY B 351 7.71 -7.07 -1.12
C GLY B 351 8.14 -6.53 -2.47
N SER B 352 7.16 -6.16 -3.30
CA SER B 352 7.41 -5.73 -4.67
C SER B 352 6.92 -4.30 -4.87
N TRP B 353 6.98 -3.84 -6.10
CA TRP B 353 6.61 -2.47 -6.44
C TRP B 353 5.11 -2.27 -6.65
N ASP B 354 4.31 -3.33 -6.53
CA ASP B 354 2.86 -3.21 -6.62
C ASP B 354 2.23 -2.89 -5.26
N SER B 355 3.03 -2.47 -4.29
CA SER B 355 2.55 -2.04 -2.97
C SER B 355 1.85 -3.18 -2.22
N PHE B 356 2.53 -4.34 -2.18
CA PHE B 356 1.99 -5.49 -1.45
C PHE B 356 3.13 -6.29 -0.87
N LEU B 357 3.00 -6.67 0.40
CA LEU B 357 3.90 -7.62 1.03
C LEU B 357 3.20 -8.96 1.16
N LYS B 358 3.94 -10.04 0.94
CA LYS B 358 3.39 -11.39 1.02
C LYS B 358 4.26 -12.26 1.91
N ILE B 359 3.62 -13.02 2.80
CA ILE B 359 4.29 -13.97 3.67
C ILE B 359 4.08 -15.36 3.10
N TRP B 360 5.18 -16.11 2.98
CA TRP B 360 5.17 -17.43 2.37
C TRP B 360 5.62 -18.47 3.39
N ASN B 361 4.95 -19.62 3.39
CA ASN B 361 5.29 -20.70 4.30
C ASN B 361 5.14 -22.04 3.61
N ILE C 9 49.26 10.97 -6.29
CA ILE C 9 50.10 9.83 -6.63
C ILE C 9 50.22 8.92 -5.41
N ALA C 10 50.02 9.50 -4.23
CA ALA C 10 50.07 8.72 -3.00
C ALA C 10 48.98 7.64 -2.95
N GLN C 11 47.91 7.80 -3.75
CA GLN C 11 46.90 6.76 -3.82
C GLN C 11 47.48 5.46 -4.36
N ALA C 12 48.46 5.54 -5.25
CA ALA C 12 49.14 4.34 -5.71
C ALA C 12 49.88 3.66 -4.56
N ARG C 13 50.55 4.44 -3.71
CA ARG C 13 51.22 3.86 -2.55
C ARG C 13 50.22 3.21 -1.60
N LYS C 14 49.07 3.87 -1.38
CA LYS C 14 48.05 3.30 -0.51
C LYS C 14 47.51 1.99 -1.09
N LEU C 15 47.27 1.96 -2.40
CA LEU C 15 46.79 0.73 -3.04
C LEU C 15 47.82 -0.38 -2.94
N VAL C 16 49.10 -0.06 -3.15
CA VAL C 16 50.15 -1.06 -3.05
C VAL C 16 50.24 -1.61 -1.63
N GLU C 17 50.17 -0.72 -0.63
CA GLU C 17 50.20 -1.18 0.76
C GLU C 17 49.00 -2.06 1.09
N GLN C 18 47.82 -1.68 0.61
CA GLN C 18 46.63 -2.50 0.85
C GLN C 18 46.76 -3.87 0.22
N LEU C 19 47.26 -3.93 -1.02
CA LEU C 19 47.45 -5.23 -1.67
C LEU C 19 48.51 -6.06 -0.95
N LYS C 20 49.58 -5.42 -0.48
CA LYS C 20 50.62 -6.13 0.26
C LYS C 20 50.06 -6.72 1.55
N MET C 21 49.24 -5.96 2.27
CA MET C 21 48.62 -6.47 3.49
C MET C 21 47.66 -7.62 3.16
N GLU C 22 46.91 -7.46 2.07
CA GLU C 22 45.95 -8.50 1.67
C GLU C 22 46.63 -9.78 1.24
N ALA C 23 47.87 -9.70 0.77
CA ALA C 23 48.61 -10.87 0.33
C ALA C 23 49.20 -11.69 1.48
N ASN C 24 48.73 -11.49 2.70
CA ASN C 24 49.24 -12.19 3.88
C ASN C 24 48.11 -12.87 4.63
N ILE C 25 47.26 -13.59 3.90
CA ILE C 25 46.11 -14.28 4.47
C ILE C 25 46.37 -15.78 4.42
N ASP C 26 46.17 -16.46 5.54
CA ASP C 26 46.33 -17.91 5.63
C ASP C 26 45.14 -18.56 4.93
N ARG C 27 45.31 -18.91 3.66
CA ARG C 27 44.23 -19.51 2.89
C ARG C 27 44.03 -20.97 3.28
N ILE C 28 42.87 -21.49 2.91
CA ILE C 28 42.47 -22.85 3.24
C ILE C 28 42.01 -23.54 1.96
N LYS C 29 42.34 -24.82 1.82
CA LYS C 29 41.97 -25.57 0.64
C LYS C 29 40.45 -25.54 0.42
N VAL C 30 40.05 -25.40 -0.84
CA VAL C 30 38.63 -25.26 -1.18
C VAL C 30 37.85 -26.49 -0.73
N SER C 31 38.48 -27.67 -0.76
CA SER C 31 37.79 -28.88 -0.32
C SER C 31 37.41 -28.80 1.16
N LYS C 32 38.29 -28.23 1.99
CA LYS C 32 37.99 -28.11 3.41
C LYS C 32 36.82 -27.17 3.65
N ALA C 33 36.79 -26.03 2.97
CA ALA C 33 35.66 -25.10 3.12
C ALA C 33 34.37 -25.73 2.62
N ALA C 34 34.44 -26.46 1.51
CA ALA C 34 33.26 -27.16 0.99
C ALA C 34 32.74 -28.17 2.00
N ALA C 35 33.65 -28.95 2.61
CA ALA C 35 33.25 -29.93 3.61
C ALA C 35 32.63 -29.26 4.83
N ASP C 36 33.20 -28.12 5.26
CA ASP C 36 32.63 -27.41 6.40
C ASP C 36 31.22 -26.90 6.09
N LEU C 37 31.03 -26.34 4.90
CA LEU C 37 29.70 -25.86 4.51
C LEU C 37 28.70 -27.01 4.46
N MET C 38 29.11 -28.14 3.88
CA MET C 38 28.21 -29.30 3.83
C MET C 38 27.89 -29.81 5.22
N ALA C 39 28.88 -29.84 6.11
CA ALA C 39 28.65 -30.30 7.48
C ALA C 39 27.68 -29.40 8.21
N TYR C 40 27.83 -28.08 8.06
CA TYR C 40 26.89 -27.17 8.70
C TYR C 40 25.49 -27.33 8.12
N CYS C 41 25.38 -27.51 6.80
CA CYS C 41 24.07 -27.69 6.19
C CYS C 41 23.40 -28.97 6.67
N GLU C 42 24.17 -30.05 6.81
CA GLU C 42 23.60 -31.34 7.22
C GLU C 42 23.28 -31.39 8.71
N ALA C 43 24.07 -30.71 9.54
CA ALA C 43 23.84 -30.75 10.98
C ALA C 43 22.52 -30.09 11.35
N HIS C 44 22.19 -28.97 10.72
CA HIS C 44 21.00 -28.19 11.04
C HIS C 44 19.85 -28.45 10.06
N ALA C 45 19.84 -29.62 9.41
CA ALA C 45 18.81 -29.90 8.44
C ALA C 45 17.43 -30.06 9.07
N LYS C 46 17.38 -30.59 10.30
CA LYS C 46 16.11 -30.84 10.96
C LYS C 46 15.52 -29.59 11.61
N GLU C 47 16.27 -28.50 11.67
CA GLU C 47 15.81 -27.27 12.29
C GLU C 47 15.38 -26.22 11.28
N ASP C 48 15.16 -26.61 10.02
CA ASP C 48 14.79 -25.68 8.97
C ASP C 48 13.33 -25.90 8.60
N PRO C 49 12.41 -25.03 9.05
CA PRO C 49 11.00 -25.18 8.65
C PRO C 49 10.77 -25.07 7.15
N LEU C 50 11.57 -24.27 6.45
CA LEU C 50 11.40 -24.14 5.01
C LEU C 50 11.80 -25.41 4.28
N LEU C 51 12.91 -26.02 4.70
CA LEU C 51 13.35 -27.28 4.08
C LEU C 51 12.40 -28.42 4.41
N THR C 52 12.07 -28.57 5.69
CA THR C 52 11.15 -29.60 6.16
C THR C 52 9.93 -28.94 6.77
N PRO C 53 8.83 -28.82 6.04
CA PRO C 53 7.64 -28.16 6.60
C PRO C 53 7.15 -28.87 7.85
N VAL C 54 6.71 -28.07 8.81
CA VAL C 54 6.23 -28.56 10.10
C VAL C 54 4.74 -28.83 10.01
N PRO C 55 4.17 -29.67 10.88
CA PRO C 55 2.71 -29.84 10.87
C PRO C 55 2.00 -28.56 11.24
N ALA C 56 0.74 -28.46 10.81
CA ALA C 56 -0.04 -27.25 11.00
C ALA C 56 -0.37 -26.96 12.45
N SER C 57 -0.14 -27.91 13.36
CA SER C 57 -0.47 -27.69 14.77
C SER C 57 0.32 -26.55 15.37
N GLU C 58 1.62 -26.50 15.11
CA GLU C 58 2.49 -25.46 15.67
C GLU C 58 2.97 -24.46 14.62
N ASN C 59 2.36 -24.44 13.45
CA ASN C 59 2.70 -23.44 12.44
C ASN C 59 2.03 -22.12 12.80
N PRO C 60 2.79 -21.05 13.08
CA PRO C 60 2.16 -19.77 13.46
C PRO C 60 1.31 -19.18 12.35
N PHE C 61 1.65 -19.41 11.09
CA PHE C 61 0.92 -18.86 9.96
C PHE C 61 -0.01 -19.93 9.39
N ARG C 62 -1.24 -19.53 9.07
CA ARG C 62 -2.22 -20.44 8.51
C ARG C 62 -2.77 -19.92 7.18
N PHE D 185 -50.69 -15.80 -36.71
CA PHE D 185 -49.51 -15.35 -37.44
C PHE D 185 -48.45 -14.85 -36.46
N SER D 186 -48.87 -14.00 -35.52
CA SER D 186 -47.95 -13.48 -34.53
C SER D 186 -47.40 -14.59 -33.65
N LEU D 187 -48.25 -15.54 -33.24
CA LEU D 187 -47.80 -16.65 -32.42
C LEU D 187 -46.79 -17.52 -33.17
N ASN D 188 -47.05 -17.78 -34.45
CA ASN D 188 -46.11 -18.58 -35.24
C ASN D 188 -44.79 -17.87 -35.43
N PHE D 189 -44.83 -16.56 -35.69
CA PHE D 189 -43.60 -15.79 -35.81
C PHE D 189 -42.82 -15.79 -34.50
N ASP D 190 -43.53 -15.66 -33.38
CA ASP D 190 -42.87 -15.70 -32.07
C ASP D 190 -42.20 -17.05 -31.84
N ARG D 191 -42.92 -18.14 -32.12
CA ARG D 191 -42.36 -19.47 -31.88
C ARG D 191 -41.18 -19.74 -32.81
N ALA D 192 -41.19 -19.15 -34.01
CA ALA D 192 -40.08 -19.36 -34.94
C ALA D 192 -38.87 -18.51 -34.55
N PHE D 193 -39.11 -17.32 -34.00
CA PHE D 193 -38.03 -16.35 -33.79
C PHE D 193 -37.42 -16.43 -32.40
N LEU D 194 -38.25 -16.27 -31.36
CA LEU D 194 -37.73 -16.03 -30.02
C LEU D 194 -36.80 -17.12 -29.48
N PRO D 195 -37.08 -18.44 -29.63
CA PRO D 195 -36.20 -19.44 -29.00
C PRO D 195 -34.74 -19.37 -29.44
N ALA D 196 -34.49 -19.49 -30.75
CA ALA D 196 -33.12 -19.56 -31.24
C ALA D 196 -32.37 -18.25 -31.02
N LEU D 197 -33.02 -17.13 -31.34
CA LEU D 197 -32.39 -15.83 -31.12
C LEU D 197 -32.07 -15.62 -29.65
N TYR D 198 -32.99 -16.02 -28.76
CA TYR D 198 -32.76 -15.85 -27.34
C TYR D 198 -31.64 -16.76 -26.83
N SER D 199 -31.51 -17.96 -27.39
CA SER D 199 -30.38 -18.82 -27.01
C SER D 199 -29.05 -18.23 -27.47
N LEU D 200 -29.02 -17.67 -28.68
CA LEU D 200 -27.81 -17.01 -29.14
C LEU D 200 -27.46 -15.82 -28.25
N LEU D 201 -28.47 -15.03 -27.88
CA LEU D 201 -28.26 -13.92 -26.96
C LEU D 201 -27.75 -14.41 -25.62
N PHE D 202 -28.35 -15.49 -25.10
CA PHE D 202 -27.86 -16.19 -23.92
C PHE D 202 -26.35 -16.39 -23.98
N LEU D 203 -25.91 -17.18 -24.96
CA LEU D 203 -24.51 -17.58 -24.98
C LEU D 203 -23.59 -16.37 -25.17
N LEU D 204 -23.93 -15.48 -26.10
CA LEU D 204 -23.03 -14.36 -26.40
C LEU D 204 -22.94 -13.39 -25.22
N GLY D 205 -24.09 -13.04 -24.64
CA GLY D 205 -24.09 -12.11 -23.53
C GLY D 205 -23.36 -12.66 -22.31
N LEU D 206 -23.62 -13.92 -21.95
CA LEU D 206 -22.87 -14.49 -20.84
C LEU D 206 -21.38 -14.51 -21.13
N LEU D 207 -20.98 -14.90 -22.35
CA LEU D 207 -19.54 -14.90 -22.67
C LEU D 207 -18.94 -13.53 -22.46
N GLY D 208 -19.53 -12.51 -23.09
CA GLY D 208 -18.94 -11.18 -23.03
C GLY D 208 -18.92 -10.59 -21.63
N ASN D 209 -20.08 -10.61 -20.96
CA ASN D 209 -20.20 -9.98 -19.66
C ASN D 209 -19.70 -10.85 -18.52
N GLY D 210 -19.23 -12.07 -18.82
CA GLY D 210 -18.50 -12.84 -17.84
C GLY D 210 -17.02 -12.59 -18.01
N ALA D 211 -16.57 -12.46 -19.27
CA ALA D 211 -15.16 -12.11 -19.50
C ALA D 211 -14.84 -10.74 -18.89
N VAL D 212 -15.72 -9.76 -19.12
CA VAL D 212 -15.48 -8.42 -18.58
C VAL D 212 -15.48 -8.45 -17.06
N ALA D 213 -16.45 -9.15 -16.47
CA ALA D 213 -16.54 -9.22 -15.02
C ALA D 213 -15.33 -9.92 -14.42
N ALA D 214 -14.86 -10.99 -15.05
CA ALA D 214 -13.67 -11.68 -14.56
C ALA D 214 -12.43 -10.80 -14.64
N VAL D 215 -12.27 -10.07 -15.75
CA VAL D 215 -11.10 -9.21 -15.89
C VAL D 215 -11.13 -8.10 -14.86
N LEU D 216 -12.28 -7.47 -14.65
CA LEU D 216 -12.36 -6.33 -13.75
C LEU D 216 -12.31 -6.75 -12.28
N LEU D 217 -12.91 -7.89 -11.93
CA LEU D 217 -13.05 -8.28 -10.53
C LEU D 217 -11.75 -8.81 -9.95
N SER D 218 -10.96 -9.53 -10.74
CA SER D 218 -9.73 -10.13 -10.21
C SER D 218 -8.78 -9.07 -9.70
N ARG D 219 -8.51 -8.05 -10.51
CA ARG D 219 -7.72 -6.90 -10.08
C ARG D 219 -8.63 -5.78 -9.58
N ARG D 220 -9.46 -6.14 -8.60
CA ARG D 220 -10.41 -5.18 -8.03
C ARG D 220 -9.71 -3.99 -7.38
N THR D 221 -8.46 -4.16 -6.96
CA THR D 221 -7.71 -3.05 -6.40
C THR D 221 -7.40 -2.01 -7.48
N ALA D 222 -7.40 -0.74 -7.08
CA ALA D 222 -7.10 0.38 -7.97
C ALA D 222 -8.07 0.40 -9.16
N LEU D 223 -9.35 0.56 -8.84
CA LEU D 223 -10.41 0.64 -9.83
C LEU D 223 -10.86 2.09 -9.96
N SER D 224 -10.86 2.59 -11.20
CA SER D 224 -11.34 3.94 -11.46
C SER D 224 -12.88 3.95 -11.50
N SER D 225 -13.43 5.15 -11.57
CA SER D 225 -14.89 5.31 -11.56
C SER D 225 -15.51 4.63 -12.78
N THR D 226 -14.92 4.85 -13.95
CA THR D 226 -15.45 4.23 -15.16
C THR D 226 -15.35 2.70 -15.08
N ASP D 227 -14.28 2.20 -14.47
CA ASP D 227 -14.15 0.75 -14.31
C ASP D 227 -15.22 0.18 -13.39
N THR D 228 -15.51 0.88 -12.28
CA THR D 228 -16.57 0.42 -11.39
C THR D 228 -17.92 0.43 -12.08
N PHE D 229 -18.22 1.50 -12.81
CA PHE D 229 -19.48 1.56 -13.53
C PHE D 229 -19.56 0.46 -14.58
N LEU D 230 -18.44 0.17 -15.25
CA LEU D 230 -18.42 -0.89 -16.24
C LEU D 230 -18.65 -2.25 -15.59
N LEU D 231 -18.08 -2.48 -14.41
CA LEU D 231 -18.31 -3.73 -13.70
C LEU D 231 -19.78 -3.89 -13.33
N HIS D 232 -20.41 -2.83 -12.82
CA HIS D 232 -21.82 -2.90 -12.49
C HIS D 232 -22.67 -3.13 -13.72
N LEU D 233 -22.33 -2.47 -14.83
CA LEU D 233 -23.06 -2.67 -16.08
C LEU D 233 -22.92 -4.11 -16.57
N ALA D 234 -21.72 -4.68 -16.45
CA ALA D 234 -21.51 -6.07 -16.84
C ALA D 234 -22.35 -7.00 -15.98
N VAL D 235 -22.42 -6.74 -14.68
CA VAL D 235 -23.25 -7.57 -13.80
C VAL D 235 -24.72 -7.48 -14.21
N ALA D 236 -25.20 -6.27 -14.48
CA ALA D 236 -26.60 -6.09 -14.88
C ALA D 236 -26.88 -6.81 -16.19
N ASP D 237 -25.98 -6.69 -17.16
CA ASP D 237 -26.17 -7.37 -18.44
C ASP D 237 -26.15 -8.88 -18.27
N THR D 238 -25.26 -9.38 -17.43
CA THR D 238 -25.20 -10.81 -17.14
C THR D 238 -26.54 -11.29 -16.60
N LEU D 239 -27.08 -10.58 -15.60
CA LEU D 239 -28.36 -10.99 -15.01
C LEU D 239 -29.48 -10.93 -16.03
N LEU D 240 -29.49 -9.89 -16.87
CA LEU D 240 -30.56 -9.75 -17.87
C LEU D 240 -30.54 -10.90 -18.86
N VAL D 241 -29.38 -11.18 -19.46
CA VAL D 241 -29.31 -12.24 -20.46
C VAL D 241 -29.23 -13.62 -19.84
N LEU D 242 -29.15 -13.71 -18.51
CA LEU D 242 -29.29 -14.99 -17.83
C LEU D 242 -30.76 -15.30 -17.52
N THR D 243 -31.55 -14.28 -17.16
CA THR D 243 -32.97 -14.49 -16.98
C THR D 243 -33.74 -14.56 -18.30
N LEU D 244 -33.15 -14.05 -19.38
CA LEU D 244 -33.81 -14.15 -20.68
C LEU D 244 -34.13 -15.59 -21.11
N PRO D 245 -33.27 -16.58 -20.90
CA PRO D 245 -33.65 -17.97 -21.25
C PRO D 245 -34.91 -18.45 -20.55
N LEU D 246 -35.19 -17.97 -19.34
CA LEU D 246 -36.37 -18.38 -18.61
C LEU D 246 -37.66 -18.04 -19.36
N TRP D 247 -37.62 -17.04 -20.24
CA TRP D 247 -38.74 -16.76 -21.12
C TRP D 247 -38.50 -17.23 -22.54
N ALA D 248 -37.25 -17.51 -22.91
CA ALA D 248 -37.00 -18.22 -24.16
C ALA D 248 -37.69 -19.57 -24.16
N VAL D 249 -37.63 -20.28 -23.03
CA VAL D 249 -38.35 -21.54 -22.90
C VAL D 249 -39.86 -21.29 -22.85
N ASP D 250 -40.28 -20.19 -22.21
CA ASP D 250 -41.70 -19.90 -22.08
C ASP D 250 -42.34 -19.68 -23.44
N ALA D 251 -41.70 -18.88 -24.31
CA ALA D 251 -42.29 -18.47 -25.57
C ALA D 251 -42.58 -19.63 -26.51
N ALA D 252 -41.99 -20.81 -26.25
CA ALA D 252 -42.20 -21.94 -27.15
C ALA D 252 -43.61 -22.49 -27.06
N VAL D 253 -43.99 -23.04 -25.92
CA VAL D 253 -45.31 -23.68 -25.81
C VAL D 253 -46.12 -23.12 -24.64
N GLN D 254 -45.61 -23.17 -23.41
CA GLN D 254 -46.42 -22.95 -22.23
C GLN D 254 -45.56 -22.43 -21.09
N TRP D 255 -46.11 -22.48 -19.88
CA TRP D 255 -45.46 -21.99 -18.68
C TRP D 255 -45.96 -22.80 -17.50
N VAL D 256 -45.03 -23.39 -16.73
CA VAL D 256 -45.38 -24.16 -15.55
C VAL D 256 -44.53 -23.69 -14.37
N PHE D 257 -43.91 -22.52 -14.52
CA PHE D 257 -42.95 -22.03 -13.53
C PHE D 257 -43.62 -21.42 -12.31
N GLY D 258 -44.92 -21.13 -12.37
CA GLY D 258 -45.63 -20.56 -11.24
C GLY D 258 -45.66 -19.04 -11.25
N SER D 259 -46.59 -18.50 -10.47
CA SER D 259 -46.76 -17.05 -10.39
C SER D 259 -45.54 -16.38 -9.79
N GLY D 260 -44.98 -16.98 -8.73
CA GLY D 260 -43.83 -16.36 -8.07
C GLY D 260 -42.62 -16.24 -8.98
N LEU D 261 -42.34 -17.29 -9.75
CA LEU D 261 -41.23 -17.22 -10.70
C LEU D 261 -41.48 -16.17 -11.76
N CYS D 262 -42.73 -16.05 -12.23
CA CYS D 262 -43.07 -15.01 -13.20
C CYS D 262 -42.80 -13.62 -12.62
N LYS D 263 -43.25 -13.38 -11.39
CA LYS D 263 -43.00 -12.11 -10.72
C LYS D 263 -41.51 -11.83 -10.62
N VAL D 264 -40.75 -12.81 -10.13
CA VAL D 264 -39.33 -12.59 -9.87
C VAL D 264 -38.58 -12.32 -11.17
N ALA D 265 -38.83 -13.15 -12.19
CA ALA D 265 -38.13 -12.99 -13.45
C ALA D 265 -38.47 -11.65 -14.10
N GLY D 266 -39.75 -11.28 -14.12
CA GLY D 266 -40.13 -10.02 -14.74
C GLY D 266 -39.51 -8.83 -14.02
N ALA D 267 -39.61 -8.81 -12.69
CA ALA D 267 -39.10 -7.67 -11.94
C ALA D 267 -37.59 -7.57 -12.07
N LEU D 268 -36.88 -8.70 -12.06
CA LEU D 268 -35.44 -8.65 -12.17
C LEU D 268 -35.01 -8.24 -13.59
N PHE D 269 -35.75 -8.65 -14.61
CA PHE D 269 -35.46 -8.19 -15.96
C PHE D 269 -35.66 -6.68 -16.08
N ASN D 270 -36.74 -6.16 -15.48
CA ASN D 270 -36.95 -4.72 -15.50
C ASN D 270 -35.83 -3.99 -14.76
N ILE D 271 -35.42 -4.53 -13.61
CA ILE D 271 -34.31 -3.95 -12.86
C ILE D 271 -33.06 -3.90 -13.73
N ASN D 272 -32.75 -5.01 -14.41
CA ASN D 272 -31.53 -5.06 -15.22
C ASN D 272 -31.58 -4.08 -16.38
N PHE D 273 -32.73 -3.96 -17.04
CA PHE D 273 -32.86 -3.02 -18.15
C PHE D 273 -32.65 -1.58 -17.67
N TYR D 274 -33.35 -1.20 -16.59
CA TYR D 274 -33.21 0.16 -16.08
C TYR D 274 -31.78 0.42 -15.58
N ALA D 275 -31.16 -0.60 -14.99
CA ALA D 275 -29.78 -0.47 -14.55
C ALA D 275 -28.85 -0.23 -15.71
N GLY D 276 -29.04 -0.97 -16.82
CA GLY D 276 -28.22 -0.74 -17.99
C GLY D 276 -28.34 0.68 -18.51
N ALA D 277 -29.58 1.17 -18.64
CA ALA D 277 -29.78 2.51 -19.16
C ALA D 277 -29.16 3.57 -18.24
N LEU D 278 -29.48 3.51 -16.95
CA LEU D 278 -28.98 4.49 -16.01
C LEU D 278 -27.46 4.41 -15.84
N LEU D 279 -26.88 3.21 -15.96
CA LEU D 279 -25.43 3.09 -15.84
C LEU D 279 -24.71 3.61 -17.08
N LEU D 280 -25.31 3.47 -18.27
CA LEU D 280 -24.74 4.15 -19.43
C LEU D 280 -24.78 5.66 -19.25
N ALA D 281 -25.90 6.18 -18.73
CA ALA D 281 -25.98 7.61 -18.46
C ALA D 281 -24.92 8.05 -17.45
N CYS D 282 -24.73 7.27 -16.39
CA CYS D 282 -23.74 7.61 -15.36
C CYS D 282 -22.32 7.54 -15.92
N ILE D 283 -22.03 6.56 -16.78
CA ILE D 283 -20.73 6.50 -17.44
C ILE D 283 -20.50 7.76 -18.26
N SER D 284 -21.52 8.18 -19.01
CA SER D 284 -21.37 9.39 -19.82
C SER D 284 -21.10 10.61 -18.94
N PHE D 285 -21.84 10.74 -17.84
CA PHE D 285 -21.64 11.89 -16.96
C PHE D 285 -20.26 11.86 -16.33
N ASP D 286 -19.78 10.67 -15.93
CA ASP D 286 -18.45 10.57 -15.33
C ASP D 286 -17.36 10.92 -16.34
N ARG D 287 -17.50 10.47 -17.58
CA ARG D 287 -16.55 10.87 -18.61
C ARG D 287 -16.58 12.38 -18.82
N TYR D 288 -17.77 12.98 -18.81
CA TYR D 288 -17.88 14.42 -18.93
C TYR D 288 -17.13 15.13 -17.80
N LEU D 289 -17.31 14.64 -16.57
CA LEU D 289 -16.59 15.24 -15.44
C LEU D 289 -15.09 15.09 -15.59
N ASN D 290 -14.63 13.91 -16.01
CA ASN D 290 -13.19 13.66 -16.09
C ASN D 290 -12.53 14.46 -17.22
N ILE D 291 -13.25 14.69 -18.31
CA ILE D 291 -12.62 15.35 -19.46
C ILE D 291 -12.80 16.87 -19.40
N VAL D 292 -14.02 17.36 -19.17
CA VAL D 292 -14.26 18.79 -19.21
C VAL D 292 -13.71 19.45 -17.95
N HIS D 293 -14.22 19.06 -16.79
CA HIS D 293 -13.76 19.60 -15.51
C HIS D 293 -12.63 18.75 -14.95
N ALA D 294 -11.55 18.65 -15.74
CA ALA D 294 -10.43 17.79 -15.36
C ALA D 294 -9.70 18.35 -14.14
N THR D 295 -9.38 19.64 -14.16
CA THR D 295 -8.60 20.22 -13.07
C THR D 295 -9.41 20.27 -11.78
N GLN D 296 -10.66 20.74 -11.85
CA GLN D 296 -11.47 20.85 -10.65
C GLN D 296 -11.73 19.50 -10.01
N LEU D 297 -12.04 18.48 -10.82
CA LEU D 297 -12.22 17.14 -10.27
C LEU D 297 -10.90 16.55 -9.79
N TYR D 298 -9.79 16.96 -10.40
CA TYR D 298 -8.48 16.52 -9.93
C TYR D 298 -8.20 17.04 -8.53
N ARG D 299 -8.55 18.30 -8.27
CA ARG D 299 -8.21 18.94 -7.00
C ARG D 299 -9.38 19.00 -6.02
N ARG D 300 -10.60 18.65 -6.45
CA ARG D 300 -11.75 18.71 -5.58
C ARG D 300 -12.69 17.53 -5.80
N GLY D 301 -12.14 16.37 -6.16
CA GLY D 301 -12.96 15.22 -6.45
C GLY D 301 -13.41 14.49 -5.21
N PRO D 302 -14.72 14.28 -5.08
CA PRO D 302 -15.25 13.51 -3.94
C PRO D 302 -14.71 12.09 -3.94
N PRO D 303 -14.42 11.53 -2.77
CA PRO D 303 -13.81 10.20 -2.70
C PRO D 303 -14.79 9.04 -2.72
N ALA D 304 -16.10 9.29 -2.58
CA ALA D 304 -17.07 8.20 -2.48
C ALA D 304 -18.33 8.49 -3.28
N ARG D 305 -18.23 9.26 -4.36
CA ARG D 305 -19.41 9.55 -5.16
C ARG D 305 -19.81 8.36 -6.03
N VAL D 306 -18.85 7.51 -6.39
CA VAL D 306 -19.13 6.40 -7.29
C VAL D 306 -20.07 5.39 -6.63
N THR D 307 -19.76 4.99 -5.40
CA THR D 307 -20.60 4.04 -4.69
C THR D 307 -21.98 4.61 -4.43
N LEU D 308 -22.05 5.89 -4.06
CA LEU D 308 -23.35 6.53 -3.84
C LEU D 308 -24.18 6.53 -5.12
N THR D 309 -23.57 6.88 -6.25
CA THR D 309 -24.31 6.91 -7.51
C THR D 309 -24.77 5.51 -7.90
N CYS D 310 -23.92 4.50 -7.73
CA CYS D 310 -24.30 3.13 -8.07
C CYS D 310 -25.46 2.66 -7.19
N LEU D 311 -25.38 2.91 -5.89
CA LEU D 311 -26.44 2.49 -4.98
C LEU D 311 -27.75 3.22 -5.30
N ALA D 312 -27.67 4.51 -5.59
CA ALA D 312 -28.87 5.26 -5.95
C ALA D 312 -29.49 4.73 -7.23
N VAL D 313 -28.66 4.41 -8.23
CA VAL D 313 -29.17 3.89 -9.50
C VAL D 313 -29.88 2.55 -9.27
N TRP D 314 -29.24 1.65 -8.52
CA TRP D 314 -29.84 0.35 -8.29
C TRP D 314 -31.14 0.46 -7.49
N GLY D 315 -31.15 1.30 -6.45
CA GLY D 315 -32.37 1.52 -5.69
C GLY D 315 -33.49 2.07 -6.54
N LEU D 316 -33.16 3.03 -7.41
CA LEU D 316 -34.15 3.53 -8.36
C LEU D 316 -34.67 2.41 -9.26
N CYS D 317 -33.79 1.50 -9.65
CA CYS D 317 -34.20 0.37 -10.49
C CYS D 317 -35.23 -0.49 -9.79
N LEU D 318 -34.96 -0.83 -8.53
CA LEU D 318 -35.93 -1.62 -7.75
C LEU D 318 -37.24 -0.82 -7.65
N LEU D 319 -37.12 0.49 -7.43
CA LEU D 319 -38.32 1.33 -7.28
C LEU D 319 -39.18 1.30 -8.54
N PHE D 320 -38.56 1.37 -9.72
CA PHE D 320 -39.34 1.27 -10.95
C PHE D 320 -39.87 -0.14 -11.19
N ALA D 321 -39.19 -1.17 -10.69
CA ALA D 321 -39.61 -2.53 -10.96
C ALA D 321 -40.56 -3.11 -9.92
N LEU D 322 -40.75 -2.44 -8.78
CA LEU D 322 -41.68 -2.96 -7.78
C LEU D 322 -43.11 -3.12 -8.29
N PRO D 323 -43.68 -2.25 -9.12
CA PRO D 323 -45.06 -2.48 -9.58
C PRO D 323 -45.23 -3.82 -10.28
N ASP D 324 -44.18 -4.33 -10.93
CA ASP D 324 -44.26 -5.65 -11.52
C ASP D 324 -44.47 -6.73 -10.45
N PHE D 325 -43.78 -6.61 -9.31
CA PHE D 325 -44.02 -7.52 -8.20
C PHE D 325 -45.44 -7.37 -7.65
N ILE D 326 -45.83 -6.14 -7.34
CA ILE D 326 -47.03 -5.96 -6.54
C ILE D 326 -48.31 -6.07 -7.37
N PHE D 327 -48.20 -5.92 -8.70
CA PHE D 327 -49.38 -5.95 -9.57
C PHE D 327 -49.44 -7.22 -10.42
N LEU D 328 -48.38 -7.50 -11.17
CA LEU D 328 -48.40 -8.62 -12.10
C LEU D 328 -48.34 -9.94 -11.35
N SER D 329 -49.16 -10.89 -11.81
CA SER D 329 -49.08 -12.28 -11.38
C SER D 329 -49.36 -13.17 -12.58
N ALA D 330 -49.39 -14.49 -12.40
CA ALA D 330 -49.79 -15.35 -13.51
C ALA D 330 -51.27 -15.17 -13.79
N HIS D 331 -51.59 -14.96 -15.07
CA HIS D 331 -52.94 -14.69 -15.50
C HIS D 331 -53.54 -15.97 -16.08
N HIS D 332 -54.82 -15.93 -16.39
CA HIS D 332 -55.52 -17.12 -16.90
C HIS D 332 -56.42 -16.76 -18.08
N ASP D 333 -55.85 -16.04 -19.06
CA ASP D 333 -56.58 -15.81 -20.31
C ASP D 333 -56.59 -17.11 -21.12
N GLU D 334 -57.29 -18.12 -20.62
CA GLU D 334 -57.21 -19.47 -21.18
C GLU D 334 -58.48 -19.79 -21.93
N ARG D 335 -58.51 -19.46 -23.21
CA ARG D 335 -59.43 -20.14 -24.12
C ARG D 335 -58.92 -21.53 -24.48
N LEU D 336 -57.58 -21.67 -24.50
CA LEU D 336 -56.93 -22.98 -24.80
C LEU D 336 -55.47 -22.91 -24.33
N ASN D 337 -55.22 -23.20 -23.04
CA ASN D 337 -53.83 -23.23 -22.49
C ASN D 337 -53.23 -21.83 -22.44
N ALA D 338 -51.92 -21.70 -22.72
CA ALA D 338 -51.21 -20.39 -22.67
C ALA D 338 -51.09 -19.92 -21.22
N THR D 339 -51.46 -18.67 -20.94
CA THR D 339 -51.45 -18.14 -19.56
C THR D 339 -50.05 -18.22 -18.95
N HIS D 340 -49.14 -17.44 -19.53
CA HIS D 340 -47.74 -17.58 -19.17
C HIS D 340 -47.26 -16.62 -18.09
N CYS D 341 -47.22 -15.31 -18.39
CA CYS D 341 -46.66 -14.36 -17.45
C CYS D 341 -47.34 -13.00 -17.44
N GLN D 342 -48.42 -12.79 -18.19
CA GLN D 342 -48.92 -11.45 -18.45
C GLN D 342 -49.53 -10.82 -17.20
N TYR D 343 -49.71 -9.50 -17.27
CA TYR D 343 -50.29 -8.75 -16.17
C TYR D 343 -51.78 -9.02 -16.04
N ASN D 344 -52.36 -8.55 -14.94
CA ASN D 344 -53.78 -8.73 -14.65
C ASN D 344 -54.36 -7.43 -14.10
N PHE D 345 -54.01 -6.31 -14.72
CA PHE D 345 -54.40 -4.99 -14.24
C PHE D 345 -54.74 -4.11 -15.44
N PRO D 346 -55.59 -3.09 -15.23
CA PRO D 346 -56.29 -2.46 -16.36
C PRO D 346 -55.36 -1.79 -17.35
N GLN D 347 -55.94 -1.44 -18.51
CA GLN D 347 -55.18 -0.92 -19.64
C GLN D 347 -54.56 0.44 -19.34
N VAL D 348 -55.26 1.29 -18.57
CA VAL D 348 -54.73 2.60 -18.25
C VAL D 348 -53.39 2.47 -17.54
N GLY D 349 -53.29 1.54 -16.61
CA GLY D 349 -52.03 1.29 -15.95
C GLY D 349 -50.96 0.77 -16.90
N ARG D 350 -51.36 -0.05 -17.88
CA ARG D 350 -50.40 -0.50 -18.89
C ARG D 350 -49.84 0.67 -19.67
N THR D 351 -50.70 1.60 -20.08
CA THR D 351 -50.23 2.78 -20.80
C THR D 351 -49.31 3.63 -19.92
N ALA D 352 -49.68 3.79 -18.64
CA ALA D 352 -48.84 4.56 -17.73
C ALA D 352 -47.47 3.92 -17.56
N LEU D 353 -47.43 2.60 -17.40
CA LEU D 353 -46.16 1.91 -17.23
C LEU D 353 -45.32 1.99 -18.49
N ARG D 354 -45.93 1.84 -19.66
CA ARG D 354 -45.20 1.95 -20.90
C ARG D 354 -44.64 3.36 -21.10
N VAL D 355 -45.45 4.38 -20.77
CA VAL D 355 -44.98 5.76 -20.86
C VAL D 355 -43.81 5.99 -19.92
N LEU D 356 -43.89 5.47 -18.69
CA LEU D 356 -42.81 5.63 -17.73
C LEU D 356 -41.54 4.97 -18.25
N GLN D 357 -41.66 3.73 -18.74
CA GLN D 357 -40.51 3.02 -19.27
C GLN D 357 -39.86 3.81 -20.41
N LEU D 358 -40.66 4.22 -21.38
CA LEU D 358 -40.14 5.02 -22.48
C LEU D 358 -39.43 6.26 -21.95
N VAL D 359 -40.16 7.10 -21.20
CA VAL D 359 -39.63 8.39 -20.77
C VAL D 359 -38.30 8.20 -20.04
N ALA D 360 -38.31 7.46 -18.93
CA ALA D 360 -37.06 7.29 -18.20
C ALA D 360 -35.99 6.65 -19.07
N GLY D 361 -36.20 5.37 -19.43
CA GLY D 361 -35.14 4.56 -19.97
C GLY D 361 -34.68 4.95 -21.35
N PHE D 362 -35.35 5.91 -22.00
CA PHE D 362 -34.84 6.46 -23.24
C PHE D 362 -34.44 7.92 -23.09
N LEU D 363 -35.35 8.78 -22.65
CA LEU D 363 -35.07 10.21 -22.64
C LEU D 363 -33.94 10.56 -21.69
N LEU D 364 -33.90 9.94 -20.49
CA LEU D 364 -32.80 10.28 -19.59
C LEU D 364 -31.45 9.85 -20.15
N PRO D 365 -31.24 8.60 -20.58
CA PRO D 365 -29.95 8.28 -21.22
C PRO D 365 -29.67 9.10 -22.46
N LEU D 366 -30.67 9.31 -23.33
CA LEU D 366 -30.43 10.07 -24.55
C LEU D 366 -29.97 11.49 -24.25
N LEU D 367 -30.72 12.21 -23.40
CA LEU D 367 -30.36 13.60 -23.12
C LEU D 367 -29.03 13.69 -22.39
N VAL D 368 -28.81 12.84 -21.38
CA VAL D 368 -27.57 12.91 -20.61
C VAL D 368 -26.37 12.60 -21.50
N MET D 369 -26.47 11.52 -22.28
CA MET D 369 -25.37 11.14 -23.15
C MET D 369 -25.11 12.22 -24.20
N ALA D 370 -26.17 12.75 -24.81
CA ALA D 370 -25.99 13.75 -25.85
C ALA D 370 -25.29 14.98 -25.30
N TYR D 371 -25.77 15.52 -24.17
CA TYR D 371 -25.16 16.72 -23.61
C TYR D 371 -23.72 16.47 -23.21
N CYS D 372 -23.48 15.41 -22.43
CA CYS D 372 -22.14 15.15 -21.93
C CYS D 372 -21.16 14.91 -23.06
N TYR D 373 -21.53 14.09 -24.05
CA TYR D 373 -20.61 13.77 -25.11
C TYR D 373 -20.44 14.92 -26.10
N ALA D 374 -21.46 15.76 -26.28
CA ALA D 374 -21.25 16.97 -27.09
C ALA D 374 -20.25 17.90 -26.44
N HIS D 375 -20.35 18.09 -25.12
CA HIS D 375 -19.36 18.93 -24.44
C HIS D 375 -17.98 18.30 -24.48
N ILE D 376 -17.90 16.97 -24.33
CA ILE D 376 -16.62 16.27 -24.45
C ILE D 376 -16.02 16.49 -25.83
N LEU D 377 -16.84 16.38 -26.87
CA LEU D 377 -16.35 16.57 -28.23
C LEU D 377 -15.87 17.99 -28.45
N ALA D 378 -16.59 18.98 -27.92
CA ALA D 378 -16.15 20.36 -28.05
C ALA D 378 -14.81 20.58 -27.37
N VAL D 379 -14.66 20.06 -26.15
CA VAL D 379 -13.41 20.22 -25.41
C VAL D 379 -12.26 19.56 -26.15
N LEU D 380 -12.49 18.35 -26.68
CA LEU D 380 -11.44 17.64 -27.41
C LEU D 380 -11.08 18.37 -28.70
N LEU D 381 -12.08 18.91 -29.41
CA LEU D 381 -11.81 19.60 -30.66
C LEU D 381 -11.05 20.89 -30.44
N VAL D 382 -11.30 21.58 -29.31
CA VAL D 382 -10.52 22.76 -28.99
C VAL D 382 -9.05 22.39 -28.78
N SER D 383 -8.81 21.29 -28.08
CA SER D 383 -7.45 20.87 -27.73
C SER D 383 -6.74 20.28 -28.96
N ARG D 384 -5.43 20.10 -28.81
CA ARG D 384 -4.58 19.53 -29.84
C ARG D 384 -3.83 18.33 -29.27
N GLY D 385 -3.74 17.27 -30.05
CA GLY D 385 -3.06 16.06 -29.60
C GLY D 385 -3.04 15.00 -30.67
N GLN D 386 -2.86 13.75 -30.22
CA GLN D 386 -2.79 12.61 -31.12
C GLN D 386 -3.84 11.55 -30.83
N ARG D 387 -4.15 11.29 -29.56
CA ARG D 387 -5.21 10.36 -29.19
C ARG D 387 -6.59 11.01 -29.20
N ARG D 388 -6.65 12.33 -29.36
CA ARG D 388 -7.94 13.02 -29.40
C ARG D 388 -8.80 12.51 -30.54
N LEU D 389 -8.18 12.16 -31.68
CA LEU D 389 -8.96 11.67 -32.81
C LEU D 389 -9.63 10.34 -32.47
N ARG D 390 -8.88 9.43 -31.83
CA ARG D 390 -9.47 8.17 -31.37
C ARG D 390 -10.59 8.43 -30.39
N ALA D 391 -10.40 9.43 -29.51
CA ALA D 391 -11.45 9.76 -28.54
C ALA D 391 -12.73 10.22 -29.23
N MET D 392 -12.61 11.10 -30.23
CA MET D 392 -13.80 11.55 -30.96
C MET D 392 -14.47 10.39 -31.68
N ARG D 393 -13.68 9.54 -32.34
CA ARG D 393 -14.26 8.40 -33.04
C ARG D 393 -15.02 7.49 -32.10
N LEU D 394 -14.42 7.20 -30.94
CA LEU D 394 -15.07 6.31 -29.98
C LEU D 394 -16.34 6.93 -29.41
N VAL D 395 -16.31 8.23 -29.12
CA VAL D 395 -17.49 8.90 -28.57
C VAL D 395 -18.63 8.87 -29.58
N VAL D 396 -18.32 9.20 -30.83
CA VAL D 396 -19.35 9.21 -31.87
C VAL D 396 -19.91 7.81 -32.06
N VAL D 397 -19.03 6.79 -32.08
CA VAL D 397 -19.49 5.42 -32.26
C VAL D 397 -20.41 5.01 -31.12
N VAL D 398 -20.04 5.35 -29.88
CA VAL D 398 -20.86 4.97 -28.72
C VAL D 398 -22.23 5.61 -28.80
N VAL D 399 -22.28 6.92 -29.06
CA VAL D 399 -23.55 7.62 -29.09
C VAL D 399 -24.43 7.09 -30.21
N VAL D 400 -23.86 6.94 -31.40
CA VAL D 400 -24.62 6.46 -32.55
C VAL D 400 -25.13 5.05 -32.30
N ALA D 401 -24.27 4.18 -31.77
CA ALA D 401 -24.67 2.79 -31.53
C ALA D 401 -25.83 2.72 -30.55
N PHE D 402 -25.71 3.42 -29.41
CA PHE D 402 -26.78 3.35 -28.42
C PHE D 402 -28.08 3.90 -28.97
N ALA D 403 -28.02 5.10 -29.59
CA ALA D 403 -29.24 5.72 -30.08
C ALA D 403 -29.90 4.87 -31.16
N LEU D 404 -29.11 4.40 -32.13
CA LEU D 404 -29.65 3.62 -33.23
C LEU D 404 -30.21 2.29 -32.75
N CYS D 405 -29.55 1.66 -31.77
CA CYS D 405 -29.98 0.34 -31.33
C CYS D 405 -31.23 0.40 -30.47
N TRP D 406 -31.36 1.41 -29.62
CA TRP D 406 -32.54 1.49 -28.76
C TRP D 406 -33.64 2.39 -29.33
N THR D 407 -33.43 3.02 -30.48
CA THR D 407 -34.51 3.77 -31.12
C THR D 407 -35.66 2.87 -31.56
N PRO D 408 -35.45 1.74 -32.26
CA PRO D 408 -36.60 1.05 -32.85
C PRO D 408 -37.60 0.51 -31.85
N TYR D 409 -37.15 -0.14 -30.77
CA TYR D 409 -38.09 -0.77 -29.87
C TYR D 409 -38.88 0.27 -29.09
N HIS D 410 -38.22 1.30 -28.58
CA HIS D 410 -38.93 2.35 -27.87
C HIS D 410 -39.87 3.10 -28.82
N LEU D 411 -39.44 3.31 -30.06
CA LEU D 411 -40.29 3.98 -31.04
C LEU D 411 -41.55 3.16 -31.32
N VAL D 412 -41.40 1.85 -31.54
CA VAL D 412 -42.56 1.02 -31.86
C VAL D 412 -43.47 0.88 -30.65
N VAL D 413 -42.90 0.81 -29.44
CA VAL D 413 -43.75 0.68 -28.26
C VAL D 413 -44.50 1.97 -27.99
N LEU D 414 -43.85 3.13 -28.22
CA LEU D 414 -44.56 4.40 -28.15
C LEU D 414 -45.66 4.46 -29.20
N VAL D 415 -45.37 4.00 -30.42
CA VAL D 415 -46.36 4.02 -31.48
C VAL D 415 -47.57 3.21 -31.08
N ASP D 416 -47.36 2.00 -30.56
CA ASP D 416 -48.48 1.16 -30.17
C ASP D 416 -49.25 1.77 -29.01
N ILE D 417 -48.54 2.27 -27.99
CA ILE D 417 -49.22 2.75 -26.79
C ILE D 417 -49.94 4.07 -27.02
N LEU D 418 -49.54 4.85 -28.02
CA LEU D 418 -50.27 6.05 -28.39
C LEU D 418 -51.31 5.78 -29.45
N MET D 419 -51.16 4.68 -30.19
CA MET D 419 -51.95 4.43 -31.39
C MET D 419 -53.19 3.65 -31.04
N ASP D 420 -53.07 2.66 -30.14
CA ASP D 420 -54.23 1.88 -29.74
C ASP D 420 -55.29 2.74 -29.04
N LEU D 421 -54.87 3.85 -28.44
CA LEU D 421 -55.79 4.70 -27.68
C LEU D 421 -56.89 5.28 -28.55
N GLY D 422 -56.52 6.18 -29.46
CA GLY D 422 -57.50 6.81 -30.33
C GLY D 422 -57.02 7.14 -31.72
N ALA D 423 -55.81 6.69 -32.07
CA ALA D 423 -55.20 7.15 -33.31
C ALA D 423 -55.82 6.52 -34.56
N LEU D 424 -56.23 5.25 -34.47
CA LEU D 424 -56.78 4.57 -35.64
C LEU D 424 -57.65 3.42 -35.15
N ALA D 425 -58.42 2.85 -36.09
CA ALA D 425 -59.44 1.87 -35.76
C ALA D 425 -58.88 0.57 -35.19
N ARG D 426 -57.56 0.35 -35.29
CA ARG D 426 -56.90 -0.82 -34.71
C ARG D 426 -57.44 -2.12 -35.34
N ASN D 427 -57.23 -2.26 -36.64
CA ASN D 427 -57.72 -3.42 -37.37
C ASN D 427 -56.91 -4.66 -37.00
N CYS D 428 -57.29 -5.80 -37.60
CA CYS D 428 -56.79 -7.10 -37.14
C CYS D 428 -55.31 -7.29 -37.47
N GLY D 429 -54.91 -7.01 -38.72
CA GLY D 429 -53.54 -7.29 -39.13
C GLY D 429 -52.51 -6.42 -38.45
N ARG D 430 -52.93 -5.24 -37.96
CA ARG D 430 -52.03 -4.35 -37.27
C ARG D 430 -51.44 -5.01 -36.04
N GLU D 431 -52.26 -5.75 -35.29
CA GLU D 431 -51.76 -6.42 -34.09
C GLU D 431 -50.65 -7.39 -34.43
N SER D 432 -50.84 -8.18 -35.49
CA SER D 432 -49.82 -9.14 -35.89
C SER D 432 -48.53 -8.45 -36.31
N ARG D 433 -48.63 -7.44 -37.20
CA ARG D 433 -47.40 -6.82 -37.67
C ARG D 433 -46.69 -6.08 -36.54
N VAL D 434 -47.44 -5.42 -35.66
CA VAL D 434 -46.82 -4.68 -34.57
C VAL D 434 -46.21 -5.64 -33.55
N ASP D 435 -46.79 -6.82 -33.36
CA ASP D 435 -46.19 -7.80 -32.45
C ASP D 435 -44.89 -8.34 -33.03
N VAL D 436 -44.87 -8.63 -34.34
CA VAL D 436 -43.63 -9.06 -34.97
C VAL D 436 -42.56 -7.97 -34.87
N ALA D 437 -42.95 -6.72 -35.12
CA ALA D 437 -42.01 -5.62 -35.01
C ALA D 437 -41.48 -5.48 -33.59
N LYS D 438 -42.36 -5.61 -32.60
CA LYS D 438 -41.93 -5.54 -31.21
C LYS D 438 -40.94 -6.65 -30.89
N SER D 439 -41.19 -7.86 -31.37
CA SER D 439 -40.28 -8.96 -31.13
C SER D 439 -38.90 -8.69 -31.72
N VAL D 440 -38.85 -8.30 -33.01
CA VAL D 440 -37.56 -8.08 -33.65
C VAL D 440 -36.84 -6.89 -33.04
N THR D 441 -37.57 -5.85 -32.64
CA THR D 441 -36.93 -4.68 -32.06
C THR D 441 -36.41 -4.97 -30.66
N SER D 442 -37.12 -5.79 -29.88
CA SER D 442 -36.59 -6.24 -28.61
C SER D 442 -35.34 -7.07 -28.81
N GLY D 443 -35.32 -7.91 -29.84
CA GLY D 443 -34.11 -8.64 -30.17
C GLY D 443 -32.94 -7.73 -30.48
N LEU D 444 -33.20 -6.67 -31.26
CA LEU D 444 -32.16 -5.68 -31.53
C LEU D 444 -31.67 -5.01 -30.25
N GLY D 445 -32.59 -4.68 -29.35
CA GLY D 445 -32.20 -4.09 -28.08
C GLY D 445 -31.30 -5.01 -27.27
N TYR D 446 -31.68 -6.28 -27.16
CA TYR D 446 -30.85 -7.22 -26.41
C TYR D 446 -29.49 -7.42 -27.08
N MET D 447 -29.48 -7.36 -28.42
CA MET D 447 -28.21 -7.39 -29.14
C MET D 447 -27.33 -6.21 -28.73
N HIS D 448 -27.94 -5.03 -28.59
CA HIS D 448 -27.18 -3.88 -28.12
C HIS D 448 -26.63 -4.11 -26.71
N CYS D 449 -27.47 -4.66 -25.82
CA CYS D 449 -27.00 -4.91 -24.47
C CYS D 449 -25.81 -5.86 -24.44
N CYS D 450 -25.87 -6.93 -25.24
CA CYS D 450 -24.73 -7.86 -25.28
C CYS D 450 -23.54 -7.29 -26.05
N LEU D 451 -23.76 -6.31 -26.93
CA LEU D 451 -22.65 -5.67 -27.62
C LEU D 451 -21.97 -4.61 -26.77
N ASN D 452 -22.65 -4.09 -25.74
CA ASN D 452 -22.14 -3.08 -24.82
C ASN D 452 -20.71 -3.30 -24.36
N PRO D 453 -20.36 -4.43 -23.72
CA PRO D 453 -19.02 -4.52 -23.12
C PRO D 453 -17.91 -4.60 -24.13
N LEU D 454 -18.16 -5.15 -25.32
CA LEU D 454 -17.15 -5.12 -26.37
C LEU D 454 -16.83 -3.69 -26.78
N LEU D 455 -17.85 -2.84 -26.88
CA LEU D 455 -17.64 -1.46 -27.28
C LEU D 455 -17.07 -0.59 -26.17
N TYR D 456 -17.35 -0.94 -24.90
CA TYR D 456 -16.92 -0.08 -23.81
C TYR D 456 -15.57 -0.50 -23.21
N ALA D 457 -15.39 -1.80 -22.94
CA ALA D 457 -14.20 -2.24 -22.22
C ALA D 457 -13.06 -2.60 -23.17
N PHE D 458 -13.33 -3.44 -24.17
CA PHE D 458 -12.28 -4.00 -25.00
C PHE D 458 -11.59 -2.98 -25.89
N VAL D 459 -12.14 -1.77 -26.02
CA VAL D 459 -11.49 -0.77 -26.87
C VAL D 459 -10.40 -0.02 -26.10
N GLY D 460 -10.51 0.08 -24.78
CA GLY D 460 -9.52 0.80 -24.01
C GLY D 460 -8.22 0.03 -23.90
N VAL D 461 -7.10 0.76 -23.95
CA VAL D 461 -5.80 0.13 -23.83
C VAL D 461 -5.59 -0.41 -22.42
N LYS D 462 -6.06 0.33 -21.41
CA LYS D 462 -5.88 -0.11 -20.03
C LYS D 462 -6.56 -1.45 -19.77
N PHE D 463 -7.80 -1.60 -20.24
CA PHE D 463 -8.53 -2.84 -20.03
C PHE D 463 -7.86 -3.99 -20.76
N ARG D 464 -7.38 -3.75 -21.99
CA ARG D 464 -6.71 -4.81 -22.73
C ARG D 464 -5.42 -5.24 -22.04
N GLU D 465 -4.64 -4.28 -21.54
CA GLU D 465 -3.42 -4.62 -20.82
C GLU D 465 -3.72 -5.39 -19.55
N ARG D 466 -4.77 -4.99 -18.82
CA ARG D 466 -5.16 -5.72 -17.62
C ARG D 466 -5.58 -7.15 -17.96
N MET D 467 -6.33 -7.31 -19.05
CA MET D 467 -6.76 -8.65 -19.47
C MET D 467 -5.57 -9.51 -19.87
N TRP D 468 -4.60 -8.92 -20.58
CA TRP D 468 -3.39 -9.67 -20.94
C TRP D 468 -2.61 -10.08 -19.70
N MET D 469 -2.50 -9.17 -18.72
CA MET D 469 -1.79 -9.50 -17.49
C MET D 469 -2.48 -10.62 -16.74
N LEU D 470 -3.82 -10.59 -16.69
CA LEU D 470 -4.56 -11.66 -16.02
C LEU D 470 -4.42 -12.99 -16.77
N LEU D 471 -4.43 -12.95 -18.11
CA LEU D 471 -4.33 -14.17 -18.90
C LEU D 471 -2.95 -14.79 -18.75
N LEU D 472 -1.90 -13.97 -18.67
CA LEU D 472 -0.55 -14.49 -18.49
C LEU D 472 -0.41 -15.25 -17.19
N ARG D 473 -1.14 -14.85 -16.15
CA ARG D 473 -1.09 -15.55 -14.87
C ARG D 473 -1.59 -16.98 -15.01
N LEU D 474 -2.67 -17.19 -15.75
CA LEU D 474 -3.23 -18.52 -15.94
C LEU D 474 -2.65 -19.18 -17.20
N VAL E 2 3.74 14.12 31.75
CA VAL E 2 2.45 13.46 31.64
C VAL E 2 1.69 13.53 32.96
N GLN E 3 0.45 14.02 32.90
CA GLN E 3 -0.37 14.13 34.10
C GLN E 3 -1.84 14.19 33.71
N LEU E 4 -2.66 13.57 34.55
CA LEU E 4 -4.11 13.61 34.46
C LEU E 4 -4.62 14.32 35.69
N VAL E 5 -5.40 15.39 35.48
CA VAL E 5 -5.95 16.18 36.59
C VAL E 5 -7.47 16.16 36.46
N GLU E 6 -8.15 15.69 37.49
CA GLU E 6 -9.60 15.60 37.45
C GLU E 6 -10.23 16.64 38.36
N SER E 7 -11.48 16.99 38.05
CA SER E 7 -12.23 17.99 38.80
C SER E 7 -13.71 17.69 38.68
N GLY E 8 -14.48 18.26 39.61
CA GLY E 8 -15.92 18.08 39.62
C GLY E 8 -16.47 17.38 40.86
N GLY E 9 -15.64 17.02 41.83
CA GLY E 9 -16.11 16.36 43.02
C GLY E 9 -16.76 17.33 44.00
N GLY E 10 -17.25 16.77 45.09
CA GLY E 10 -17.92 17.55 46.11
C GLY E 10 -19.18 16.87 46.58
N LEU E 11 -20.06 17.65 47.20
CA LEU E 11 -21.28 17.13 47.82
C LEU E 11 -22.45 17.27 46.86
N VAL E 12 -23.20 16.19 46.68
CA VAL E 12 -24.36 16.17 45.80
C VAL E 12 -25.55 15.57 46.56
N GLN E 13 -26.72 16.16 46.39
CA GLN E 13 -27.92 15.60 46.96
C GLN E 13 -28.36 14.37 46.15
N PRO E 14 -29.01 13.40 46.80
CA PRO E 14 -29.44 12.19 46.06
C PRO E 14 -30.42 12.54 44.96
N GLY E 15 -30.35 11.76 43.88
CA GLY E 15 -31.20 11.98 42.73
C GLY E 15 -30.78 13.11 41.82
N GLY E 16 -29.66 13.76 42.09
CA GLY E 16 -29.19 14.88 41.30
C GLY E 16 -28.34 14.45 40.13
N SER E 17 -27.43 15.32 39.72
CA SER E 17 -26.55 15.05 38.60
C SER E 17 -25.23 15.78 38.81
N ARG E 18 -24.20 15.31 38.11
CA ARG E 18 -22.87 15.89 38.22
C ARG E 18 -22.08 15.52 36.97
N LYS E 19 -20.95 16.21 36.78
CA LYS E 19 -20.07 15.95 35.65
C LYS E 19 -18.63 16.09 36.10
N LEU E 20 -17.87 15.01 35.95
CA LEU E 20 -16.45 15.02 36.24
C LEU E 20 -15.65 15.23 34.96
N SER E 21 -14.62 16.05 35.06
CA SER E 21 -13.73 16.35 33.94
C SER E 21 -12.34 15.85 34.25
N CYS E 22 -11.67 15.31 33.23
CA CYS E 22 -10.33 14.76 33.36
C CYS E 22 -9.49 15.39 32.26
N SER E 23 -8.57 16.27 32.64
CA SER E 23 -7.73 17.01 31.70
C SER E 23 -6.36 16.34 31.63
N ALA E 24 -5.91 16.08 30.41
CA ALA E 24 -4.67 15.37 30.14
C ALA E 24 -3.63 16.31 29.58
N SER E 25 -2.41 16.25 30.12
CA SER E 25 -1.32 17.05 29.57
C SER E 25 -0.06 16.20 29.50
N GLY E 26 0.68 16.35 28.41
CA GLY E 26 1.96 15.70 28.27
C GLY E 26 1.99 14.42 27.47
N PHE E 27 0.89 14.04 26.83
CA PHE E 27 0.90 12.85 25.99
C PHE E 27 -0.17 12.99 24.91
N ALA E 28 -0.06 12.14 23.89
CA ALA E 28 -1.00 12.14 22.77
C ALA E 28 -2.33 11.57 23.23
N PHE E 29 -3.28 12.46 23.53
CA PHE E 29 -4.56 12.02 24.09
C PHE E 29 -5.38 11.21 23.09
N SER E 30 -5.28 11.52 21.80
CA SER E 30 -6.15 10.90 20.82
C SER E 30 -5.89 9.40 20.64
N SER E 31 -4.70 8.93 21.00
CA SER E 31 -4.31 7.54 20.76
C SER E 31 -4.56 6.63 21.95
N PHE E 32 -5.12 7.13 23.05
CA PHE E 32 -5.30 6.37 24.27
C PHE E 32 -6.76 6.17 24.57
N GLY E 33 -7.16 4.92 24.78
CA GLY E 33 -8.45 4.66 25.39
C GLY E 33 -8.46 5.08 26.85
N MET E 34 -9.64 5.49 27.34
CA MET E 34 -9.74 6.09 28.66
C MET E 34 -10.75 5.32 29.50
N HIS E 35 -10.35 4.99 30.72
CA HIS E 35 -11.20 4.30 31.68
C HIS E 35 -11.53 5.22 32.85
N TRP E 36 -12.75 5.13 33.33
CA TRP E 36 -13.16 5.73 34.60
C TRP E 36 -13.31 4.61 35.60
N VAL E 37 -12.56 4.70 36.70
CA VAL E 37 -12.60 3.71 37.78
C VAL E 37 -13.03 4.44 39.05
N ARG E 38 -13.59 3.69 39.99
CA ARG E 38 -14.11 4.26 41.22
C ARG E 38 -13.67 3.41 42.40
N GLN E 39 -13.31 4.07 43.50
CA GLN E 39 -12.94 3.39 44.74
C GLN E 39 -13.78 3.96 45.88
N ALA E 40 -14.58 3.10 46.50
CA ALA E 40 -15.38 3.53 47.63
C ALA E 40 -14.48 3.78 48.85
N PRO E 41 -14.93 4.63 49.78
CA PRO E 41 -14.13 4.86 50.99
C PRO E 41 -13.95 3.59 51.80
N GLU E 42 -12.69 3.21 52.01
CA GLU E 42 -12.32 1.99 52.73
C GLU E 42 -12.93 0.76 52.05
N LYS E 43 -12.69 0.66 50.73
CA LYS E 43 -13.14 -0.48 49.94
C LYS E 43 -12.21 -0.61 48.75
N GLY E 44 -12.40 -1.70 47.99
CA GLY E 44 -11.57 -1.97 46.84
C GLY E 44 -11.98 -1.18 45.61
N LEU E 45 -11.17 -1.30 44.56
CA LEU E 45 -11.46 -0.64 43.31
C LEU E 45 -12.62 -1.31 42.59
N GLU E 46 -13.27 -0.55 41.71
CA GLU E 46 -14.40 -1.06 40.95
C GLU E 46 -14.47 -0.33 39.62
N TRP E 47 -14.40 -1.09 38.53
CA TRP E 47 -14.44 -0.50 37.19
C TRP E 47 -15.80 0.14 36.93
N VAL E 48 -15.79 1.25 36.19
CA VAL E 48 -17.03 1.99 35.95
C VAL E 48 -17.30 2.12 34.44
N ALA E 49 -16.37 2.73 33.70
CA ALA E 49 -16.66 3.02 32.30
C ALA E 49 -15.39 2.99 31.47
N TYR E 50 -15.57 2.85 30.15
CA TYR E 50 -14.45 2.84 29.22
C TYR E 50 -14.90 3.42 27.89
N ILE E 51 -14.06 4.27 27.31
CA ILE E 51 -14.28 4.80 25.97
C ILE E 51 -13.01 4.60 25.15
N SER E 52 -13.17 4.10 23.94
CA SER E 52 -12.03 3.75 23.09
C SER E 52 -11.41 5.01 22.50
N SER E 53 -10.41 4.80 21.64
CA SER E 53 -9.79 5.90 20.93
C SER E 53 -10.58 6.20 19.66
N GLY E 54 -10.95 7.47 19.49
CA GLY E 54 -11.88 7.82 18.44
C GLY E 54 -13.33 7.60 18.76
N SER E 55 -13.65 7.28 20.02
CA SER E 55 -15.02 7.06 20.48
C SER E 55 -15.70 5.95 19.68
N GLY E 56 -14.95 4.90 19.36
CA GLY E 56 -15.50 3.78 18.62
C GLY E 56 -16.42 2.93 19.44
N THR E 57 -15.91 2.32 20.51
CA THR E 57 -16.68 1.45 21.38
C THR E 57 -16.73 2.04 22.78
N ILE E 58 -17.89 1.97 23.41
CA ILE E 58 -18.11 2.48 24.76
C ILE E 58 -18.67 1.35 25.61
N TYR E 59 -18.08 1.13 26.78
CA TYR E 59 -18.50 0.08 27.68
C TYR E 59 -18.79 0.66 29.06
N TYR E 60 -19.83 0.13 29.71
CA TYR E 60 -20.23 0.58 31.03
C TYR E 60 -20.32 -0.61 31.98
N ALA E 61 -20.14 -0.34 33.26
CA ALA E 61 -20.39 -1.36 34.27
C ALA E 61 -21.89 -1.61 34.40
N ASP E 62 -22.23 -2.82 34.85
CA ASP E 62 -23.64 -3.18 34.95
C ASP E 62 -24.37 -2.32 35.96
N THR E 63 -23.73 -2.02 37.10
CA THR E 63 -24.39 -1.26 38.15
C THR E 63 -24.57 0.22 37.81
N VAL E 64 -23.93 0.71 36.74
CA VAL E 64 -24.02 2.10 36.36
C VAL E 64 -24.57 2.28 34.95
N LYS E 65 -25.03 1.20 34.33
CA LYS E 65 -25.57 1.30 32.97
C LYS E 65 -26.89 2.06 32.98
N GLY E 66 -27.02 3.02 32.08
CA GLY E 66 -28.27 3.75 31.94
C GLY E 66 -28.23 5.16 32.47
N ARG E 67 -27.53 5.37 33.59
CA ARG E 67 -27.51 6.67 34.24
C ARG E 67 -26.18 7.40 34.10
N PHE E 68 -25.12 6.73 33.67
CA PHE E 68 -23.83 7.37 33.44
C PHE E 68 -23.57 7.48 31.94
N THR E 69 -22.79 8.49 31.57
CA THR E 69 -22.43 8.71 30.16
C THR E 69 -21.00 9.21 30.10
N ILE E 70 -20.14 8.50 29.37
CA ILE E 70 -18.74 8.86 29.23
C ILE E 70 -18.51 9.39 27.83
N SER E 71 -17.74 10.48 27.74
CA SER E 71 -17.45 11.11 26.45
C SER E 71 -16.05 11.69 26.50
N ARG E 72 -15.50 11.98 25.32
CA ARG E 72 -14.17 12.57 25.22
C ARG E 72 -14.19 13.71 24.21
N ASP E 73 -13.37 14.72 24.47
CA ASP E 73 -13.17 15.84 23.54
C ASP E 73 -11.68 15.89 23.24
N ASP E 74 -11.33 15.61 21.99
CA ASP E 74 -9.94 15.47 21.58
C ASP E 74 -9.23 16.82 21.37
N PRO E 75 -9.84 17.80 20.68
CA PRO E 75 -9.13 19.09 20.53
C PRO E 75 -8.77 19.75 21.85
N LYS E 76 -9.63 19.65 22.86
CA LYS E 76 -9.36 20.22 24.16
C LYS E 76 -8.64 19.24 25.10
N ASN E 77 -8.44 18.00 24.68
CA ASN E 77 -7.76 16.98 25.47
C ASN E 77 -8.42 16.81 26.83
N THR E 78 -9.68 16.38 26.81
CA THR E 78 -10.44 16.24 28.05
C THR E 78 -11.40 15.07 27.96
N LEU E 79 -11.79 14.55 29.13
CA LEU E 79 -12.69 13.41 29.24
C LEU E 79 -13.79 13.75 30.24
N PHE E 80 -15.05 13.57 29.83
CA PHE E 80 -16.19 13.87 30.68
C PHE E 80 -16.89 12.59 31.12
N LEU E 81 -17.34 12.57 32.38
CA LEU E 81 -18.24 11.55 32.89
C LEU E 81 -19.44 12.27 33.49
N GLN E 82 -20.61 12.10 32.87
CA GLN E 82 -21.85 12.73 33.31
C GLN E 82 -22.67 11.69 34.05
N MET E 83 -22.96 11.96 35.33
CA MET E 83 -23.78 11.09 36.14
C MET E 83 -25.13 11.74 36.38
N THR E 84 -26.20 10.98 36.18
CA THR E 84 -27.56 11.41 36.44
C THR E 84 -28.22 10.43 37.39
N SER E 85 -29.17 10.93 38.18
CA SER E 85 -29.88 10.14 39.18
C SER E 85 -28.89 9.47 40.15
N LEU E 86 -28.05 10.31 40.76
CA LEU E 86 -27.04 9.80 41.69
C LEU E 86 -27.70 9.16 42.89
N ARG E 87 -27.16 8.02 43.30
CA ARG E 87 -27.68 7.25 44.43
C ARG E 87 -26.68 7.29 45.59
N SER E 88 -27.00 6.52 46.64
CA SER E 88 -26.21 6.57 47.86
C SER E 88 -24.95 5.70 47.80
N GLU E 89 -24.84 4.80 46.84
CA GLU E 89 -23.64 3.98 46.69
C GLU E 89 -22.66 4.53 45.68
N ASP E 90 -22.90 5.73 45.15
CA ASP E 90 -21.98 6.37 44.22
C ASP E 90 -20.98 7.28 44.92
N THR E 91 -21.08 7.45 46.24
CA THR E 91 -20.12 8.26 46.97
C THR E 91 -18.79 7.52 47.06
N ALA E 92 -17.77 8.06 46.42
CA ALA E 92 -16.49 7.37 46.27
C ALA E 92 -15.45 8.39 45.79
N MET E 93 -14.30 7.89 45.35
CA MET E 93 -13.27 8.70 44.73
C MET E 93 -12.98 8.12 43.35
N TYR E 94 -12.98 8.99 42.35
CA TYR E 94 -12.94 8.58 40.95
C TYR E 94 -11.55 8.81 40.37
N TYR E 95 -11.09 7.84 39.59
CA TYR E 95 -9.79 7.85 38.94
C TYR E 95 -9.96 7.80 37.43
N CYS E 96 -9.06 8.48 36.73
CA CYS E 96 -9.03 8.59 35.28
C CYS E 96 -7.78 7.86 34.80
N VAL E 97 -7.96 6.74 34.10
CA VAL E 97 -6.87 5.85 33.72
C VAL E 97 -6.75 5.84 32.20
N ARG E 98 -5.50 5.79 31.72
CA ARG E 98 -5.24 5.67 30.29
C ARG E 98 -4.78 4.26 29.96
N SER E 99 -5.12 3.81 28.75
CA SER E 99 -4.75 2.48 28.31
C SER E 99 -4.71 2.45 26.79
N ILE E 100 -3.59 2.00 26.24
CA ILE E 100 -3.38 1.94 24.79
C ILE E 100 -3.16 0.48 24.42
N TYR E 101 -3.85 0.02 23.38
CA TYR E 101 -3.87 -1.40 23.02
C TYR E 101 -3.24 -1.58 21.64
N TYR E 102 -2.09 -2.26 21.62
CA TYR E 102 -1.54 -2.86 20.41
C TYR E 102 -0.70 -4.04 20.84
N TYR E 103 0.09 -4.59 19.92
CA TYR E 103 0.89 -5.76 20.24
C TYR E 103 2.07 -5.34 21.12
N GLY E 104 2.10 -5.85 22.35
CA GLY E 104 3.17 -5.55 23.27
C GLY E 104 3.00 -4.30 24.11
N SER E 105 1.82 -3.68 24.08
CA SER E 105 1.60 -2.48 24.86
C SER E 105 1.32 -2.84 26.32
N SER E 106 1.27 -1.80 27.15
CA SER E 106 1.06 -1.95 28.60
C SER E 106 -0.11 -1.06 29.01
N PRO E 107 -1.34 -1.55 28.91
CA PRO E 107 -2.49 -0.74 29.31
C PRO E 107 -2.52 -0.51 30.82
N PHE E 108 -3.29 0.50 31.21
CA PHE E 108 -3.46 0.89 32.62
C PHE E 108 -2.15 1.35 33.24
N ASP E 109 -1.27 1.93 32.43
CA ASP E 109 0.05 2.30 32.92
C ASP E 109 0.00 3.51 33.85
N PHE E 110 -0.76 4.53 33.47
CA PHE E 110 -0.81 5.78 34.22
C PHE E 110 -2.21 6.04 34.75
N TRP E 111 -2.29 6.41 36.02
CA TRP E 111 -3.54 6.69 36.69
C TRP E 111 -3.61 8.16 37.09
N GLY E 112 -4.83 8.69 37.14
CA GLY E 112 -5.06 10.05 37.57
C GLY E 112 -4.92 10.20 39.07
N GLN E 113 -5.33 11.37 39.56
CA GLN E 113 -5.24 11.67 40.98
C GLN E 113 -6.54 11.39 41.72
N GLY E 114 -7.67 11.41 41.03
CA GLY E 114 -8.94 11.08 41.66
C GLY E 114 -9.63 12.26 42.31
N THR E 115 -10.96 12.30 42.22
CA THR E 115 -11.77 13.31 42.85
C THR E 115 -12.80 12.65 43.75
N THR E 116 -13.01 13.22 44.93
CA THR E 116 -13.94 12.68 45.91
C THR E 116 -15.32 13.27 45.67
N LEU E 117 -16.30 12.42 45.38
CA LEU E 117 -17.70 12.83 45.27
C LEU E 117 -18.48 12.12 46.35
N THR E 118 -19.19 12.90 47.17
CA THR E 118 -20.01 12.36 48.24
C THR E 118 -21.47 12.68 47.96
N VAL E 119 -22.34 11.71 48.21
CA VAL E 119 -23.78 11.87 48.06
C VAL E 119 -24.38 11.91 49.46
N SER E 120 -25.06 13.00 49.78
CA SER E 120 -25.59 13.19 51.12
C SER E 120 -26.76 12.25 51.37
N SER E 121 -27.31 12.32 52.58
CA SER E 121 -28.43 11.49 52.99
C SER E 121 -28.13 10.00 52.82
N SER E 136 -19.94 -9.15 35.23
CA SER E 136 -19.44 -9.59 36.52
C SER E 136 -19.36 -11.11 36.58
N ASP E 137 -19.31 -11.74 35.41
CA ASP E 137 -19.27 -13.20 35.35
C ASP E 137 -17.95 -13.77 35.87
N ILE E 138 -16.88 -12.97 35.86
CA ILE E 138 -15.59 -13.41 36.37
C ILE E 138 -15.37 -12.73 37.72
N VAL E 139 -15.10 -13.54 38.74
CA VAL E 139 -14.84 -13.04 40.08
C VAL E 139 -13.41 -13.43 40.46
N MET E 140 -12.61 -12.44 40.81
CA MET E 140 -11.24 -12.65 41.24
C MET E 140 -11.16 -12.48 42.75
N THR E 141 -10.62 -13.48 43.44
CA THR E 141 -10.60 -13.52 44.88
C THR E 141 -9.16 -13.54 45.39
N GLN E 142 -8.89 -12.69 46.37
CA GLN E 142 -7.61 -12.68 47.10
C GLN E 142 -7.96 -13.07 48.54
N ALA E 143 -7.64 -14.32 48.90
CA ALA E 143 -8.10 -14.87 50.17
C ALA E 143 -7.54 -14.09 51.35
N THR E 144 -6.23 -13.83 51.34
CA THR E 144 -5.60 -13.11 52.44
C THR E 144 -5.93 -11.62 52.33
N SER E 145 -6.20 -10.99 53.46
CA SER E 145 -6.51 -9.57 53.52
C SER E 145 -5.31 -8.72 53.94
N SER E 146 -4.62 -9.09 55.01
CA SER E 146 -3.48 -8.33 55.51
C SER E 146 -2.34 -9.26 55.83
N VAL E 147 -1.11 -8.85 55.50
CA VAL E 147 0.08 -9.70 55.76
C VAL E 147 1.07 -8.88 56.61
N PRO E 148 1.32 -9.25 57.88
CA PRO E 148 2.32 -8.56 58.69
C PRO E 148 3.68 -8.88 58.08
N VAL E 149 4.45 -7.86 57.70
CA VAL E 149 5.72 -8.17 56.99
C VAL E 149 6.87 -7.32 57.53
N THR E 150 8.04 -7.93 57.70
CA THR E 150 9.22 -7.14 58.05
C THR E 150 10.01 -6.77 56.80
N PRO E 151 10.72 -5.63 56.81
CA PRO E 151 11.44 -5.14 55.61
C PRO E 151 12.78 -5.82 55.37
N GLY E 152 12.81 -7.14 55.47
CA GLY E 152 14.03 -7.87 55.21
C GLY E 152 13.84 -9.21 54.54
N GLU E 153 12.62 -9.52 54.11
CA GLU E 153 12.34 -10.86 53.58
C GLU E 153 11.57 -10.80 52.27
N SER E 154 11.07 -11.96 51.82
CA SER E 154 10.34 -12.08 50.57
C SER E 154 8.88 -12.38 50.85
N VAL E 155 7.99 -11.81 50.05
CA VAL E 155 6.55 -11.96 50.23
C VAL E 155 5.96 -12.56 48.95
N SER E 156 4.91 -13.35 49.11
CA SER E 156 4.17 -13.92 48.00
C SER E 156 2.70 -13.58 48.18
N ILE E 157 2.10 -12.98 47.16
CA ILE E 157 0.68 -12.61 47.16
C ILE E 157 -0.02 -13.43 46.09
N SER E 158 -1.10 -14.11 46.47
CA SER E 158 -1.76 -15.06 45.59
C SER E 158 -3.12 -14.53 45.15
N CYS E 159 -3.43 -14.71 43.87
CA CYS E 159 -4.71 -14.33 43.30
C CYS E 159 -5.31 -15.55 42.59
N ARG E 160 -6.64 -15.65 42.66
CA ARG E 160 -7.37 -16.77 42.09
C ARG E 160 -8.51 -16.26 41.24
N SER E 161 -8.85 -17.03 40.21
CA SER E 161 -9.89 -16.65 39.26
C SER E 161 -10.91 -17.77 39.13
N SER E 162 -12.14 -17.38 38.79
CA SER E 162 -13.20 -18.34 38.55
C SER E 162 -13.19 -18.87 37.11
N LYS E 163 -12.39 -18.28 36.23
CA LYS E 163 -12.30 -18.70 34.84
C LYS E 163 -10.84 -18.79 34.44
N SER E 164 -10.57 -19.59 33.42
CA SER E 164 -9.22 -19.71 32.88
C SER E 164 -8.86 -18.44 32.13
N LEU E 165 -8.00 -17.61 32.73
CA LEU E 165 -7.63 -16.35 32.11
C LEU E 165 -6.78 -16.54 30.86
N LEU E 166 -6.22 -17.73 30.66
CA LEU E 166 -5.42 -17.99 29.48
C LEU E 166 -6.31 -18.04 28.24
N HIS E 167 -5.89 -17.38 27.18
CA HIS E 167 -6.64 -17.33 25.93
C HIS E 167 -6.06 -18.30 24.91
N SER E 168 -6.74 -18.40 23.77
CA SER E 168 -6.31 -19.33 22.73
C SER E 168 -5.03 -18.88 22.03
N ASN E 169 -4.66 -17.61 22.16
CA ASN E 169 -3.44 -17.09 21.55
C ASN E 169 -2.24 -17.19 22.49
N GLY E 170 -2.39 -17.82 23.65
CA GLY E 170 -1.29 -17.99 24.57
C GLY E 170 -1.02 -16.82 25.49
N ASN E 171 -1.91 -15.83 25.54
CA ASN E 171 -1.74 -14.66 26.38
C ASN E 171 -2.66 -14.75 27.58
N THR E 172 -2.08 -14.71 28.78
CA THR E 172 -2.84 -14.67 30.02
C THR E 172 -3.01 -13.23 30.46
N TYR E 173 -4.25 -12.82 30.66
CA TYR E 173 -4.60 -11.41 30.91
C TYR E 173 -4.83 -11.21 32.40
N LEU E 174 -3.74 -10.99 33.14
CA LEU E 174 -3.83 -10.62 34.55
C LEU E 174 -2.88 -9.47 34.83
N TYR E 175 -3.37 -8.46 35.54
CA TYR E 175 -2.62 -7.25 35.82
C TYR E 175 -2.49 -7.08 37.33
N TRP E 176 -1.29 -6.75 37.79
CA TRP E 176 -1.02 -6.51 39.20
C TRP E 176 -0.76 -5.03 39.40
N PHE E 177 -1.56 -4.40 40.27
CA PHE E 177 -1.45 -2.99 40.62
C PHE E 177 -1.10 -2.84 42.09
N LEU E 178 -0.41 -1.75 42.41
CA LEU E 178 -0.06 -1.42 43.79
C LEU E 178 -0.54 -0.01 44.10
N GLN E 179 -1.27 0.13 45.21
CA GLN E 179 -1.73 1.41 45.69
C GLN E 179 -1.04 1.71 47.01
N ARG E 180 -0.20 2.74 47.03
CA ARG E 180 0.45 3.18 48.24
C ARG E 180 -0.52 3.98 49.10
N PRO E 181 -0.27 4.08 50.41
CA PRO E 181 -1.18 4.84 51.28
C PRO E 181 -1.20 6.31 50.91
N GLY E 182 -2.38 6.80 50.54
CA GLY E 182 -2.56 8.19 50.20
C GLY E 182 -2.28 8.57 48.76
N GLN E 183 -1.96 7.61 47.90
CA GLN E 183 -1.69 7.87 46.49
C GLN E 183 -2.62 7.05 45.62
N SER E 184 -2.42 7.14 44.31
CA SER E 184 -3.18 6.43 43.29
C SER E 184 -2.43 5.18 42.83
N PRO E 185 -3.15 4.14 42.43
CA PRO E 185 -2.50 2.89 42.05
C PRO E 185 -1.62 3.06 40.83
N GLN E 186 -0.59 2.21 40.74
CA GLN E 186 0.30 2.18 39.59
C GLN E 186 0.43 0.74 39.11
N LEU E 187 0.60 0.59 37.81
CA LEU E 187 0.69 -0.74 37.21
C LEU E 187 2.03 -1.37 37.56
N LEU E 188 2.00 -2.47 38.30
CA LEU E 188 3.21 -3.20 38.62
C LEU E 188 3.55 -4.22 37.54
N ILE E 189 2.58 -5.04 37.15
CA ILE E 189 2.82 -6.12 36.21
C ILE E 189 1.63 -6.20 35.24
N TYR E 190 1.91 -6.41 33.96
CA TYR E 190 0.87 -6.59 32.97
C TYR E 190 1.02 -7.93 32.27
N ARG E 191 -0.11 -8.60 32.07
CA ARG E 191 -0.18 -9.92 31.45
C ARG E 191 0.62 -10.97 32.21
N MET E 192 0.67 -10.81 33.54
CA MET E 192 1.05 -11.86 34.49
C MET E 192 2.54 -12.18 34.48
N SER E 193 3.29 -11.65 33.51
CA SER E 193 4.71 -11.96 33.41
C SER E 193 5.60 -10.77 33.12
N ASN E 194 5.09 -9.70 32.51
CA ASN E 194 5.91 -8.61 32.04
C ASN E 194 5.95 -7.49 33.07
N LEU E 195 7.16 -7.04 33.42
CA LEU E 195 7.32 -5.95 34.35
C LEU E 195 7.05 -4.62 33.66
N ALA E 196 6.32 -3.74 34.36
CA ALA E 196 6.02 -2.43 33.81
C ALA E 196 7.27 -1.56 33.78
N SER E 197 7.20 -0.48 33.01
CA SER E 197 8.33 0.44 32.92
C SER E 197 8.53 1.18 34.23
N GLY E 198 9.79 1.35 34.62
CA GLY E 198 10.12 2.05 35.85
C GLY E 198 9.70 1.33 37.11
N VAL E 199 9.76 0.00 37.11
CA VAL E 199 9.42 -0.82 38.26
C VAL E 199 10.66 -1.61 38.65
N PRO E 200 11.06 -1.62 39.93
CA PRO E 200 12.26 -2.36 40.32
C PRO E 200 12.15 -3.84 40.01
N ASP E 201 13.29 -4.45 39.70
CA ASP E 201 13.34 -5.84 39.29
C ASP E 201 13.01 -6.81 40.42
N ARG E 202 12.93 -6.35 41.66
CA ARG E 202 12.62 -7.24 42.77
C ARG E 202 11.21 -7.81 42.64
N PHE E 203 10.30 -7.08 42.02
CA PHE E 203 8.97 -7.61 41.77
C PHE E 203 9.00 -8.66 40.67
N SER E 204 8.21 -9.71 40.84
CA SER E 204 8.11 -10.75 39.82
C SER E 204 6.69 -11.32 39.84
N GLY E 205 6.29 -11.91 38.72
CA GLY E 205 4.97 -12.47 38.61
C GLY E 205 5.01 -13.80 37.88
N SER E 206 4.08 -14.68 38.25
CA SER E 206 3.98 -15.99 37.62
C SER E 206 2.57 -16.51 37.84
N GLY E 207 2.28 -17.66 37.26
CA GLY E 207 0.98 -18.28 37.47
C GLY E 207 0.62 -19.20 36.31
N SER E 208 -0.61 -19.71 36.41
CA SER E 208 -1.12 -20.65 35.40
C SER E 208 -2.64 -20.62 35.44
N GLY E 209 -3.24 -20.13 34.36
CA GLY E 209 -4.64 -20.41 34.06
C GLY E 209 -5.63 -19.81 35.03
N THR E 210 -5.53 -20.22 36.29
CA THR E 210 -6.45 -19.77 37.31
C THR E 210 -5.78 -19.40 38.63
N ALA E 211 -4.50 -19.69 38.82
CA ALA E 211 -3.81 -19.37 40.06
C ALA E 211 -2.57 -18.56 39.74
N PHE E 212 -2.44 -17.38 40.33
CA PHE E 212 -1.35 -16.46 40.00
C PHE E 212 -0.67 -15.98 41.28
N THR E 213 0.61 -15.65 41.15
CA THR E 213 1.42 -15.26 42.29
C THR E 213 2.30 -14.07 41.93
N LEU E 214 2.43 -13.15 42.88
CA LEU E 214 3.35 -12.02 42.79
C LEU E 214 4.36 -12.14 43.91
N THR E 215 5.64 -12.07 43.56
CA THR E 215 6.74 -12.28 44.49
C THR E 215 7.53 -10.99 44.66
N ILE E 216 7.82 -10.63 45.90
CA ILE E 216 8.71 -9.53 46.23
C ILE E 216 9.91 -10.10 46.96
N SER E 217 11.10 -9.92 46.39
CA SER E 217 12.30 -10.54 46.95
C SER E 217 12.70 -9.88 48.28
N ARG E 218 12.69 -8.56 48.32
CA ARG E 218 13.10 -7.84 49.53
C ARG E 218 12.35 -6.51 49.57
N LEU E 219 11.56 -6.31 50.62
CA LEU E 219 10.75 -5.09 50.67
C LEU E 219 11.57 -3.91 51.17
N GLU E 220 11.07 -2.72 50.85
CA GLU E 220 11.61 -1.46 51.35
C GLU E 220 10.49 -0.64 51.95
N ALA E 221 10.76 0.62 52.29
CA ALA E 221 9.70 1.47 52.81
C ALA E 221 8.67 1.84 51.75
N GLU E 222 8.99 1.64 50.47
CA GLU E 222 8.09 1.97 49.37
C GLU E 222 7.32 0.76 48.85
N ASP E 223 7.49 -0.41 49.46
CA ASP E 223 6.83 -1.63 49.00
C ASP E 223 5.58 -1.97 49.81
N VAL E 224 5.14 -1.08 50.70
CA VAL E 224 3.95 -1.31 51.50
C VAL E 224 2.76 -0.68 50.78
N GLY E 225 1.59 -1.25 51.00
CA GLY E 225 0.37 -0.77 50.37
C GLY E 225 -0.58 -1.91 50.08
N VAL E 226 -1.55 -1.64 49.22
CA VAL E 226 -2.59 -2.61 48.87
C VAL E 226 -2.35 -3.08 47.45
N TYR E 227 -2.34 -4.39 47.25
CA TYR E 227 -2.07 -4.99 45.96
C TYR E 227 -3.36 -5.56 45.37
N TYR E 228 -3.61 -5.26 44.10
CA TYR E 228 -4.82 -5.68 43.42
C TYR E 228 -4.47 -6.48 42.17
N CYS E 229 -5.31 -7.46 41.85
CA CYS E 229 -5.15 -8.30 40.67
C CYS E 229 -6.41 -8.16 39.81
N MET E 230 -6.26 -7.52 38.67
CA MET E 230 -7.36 -7.28 37.74
C MET E 230 -7.27 -8.26 36.56
N GLN E 231 -8.42 -8.58 36.00
CA GLN E 231 -8.50 -9.40 34.79
C GLN E 231 -8.83 -8.52 33.59
N HIS E 232 -8.46 -9.00 32.41
CA HIS E 232 -8.75 -8.28 31.17
C HIS E 232 -9.19 -9.22 30.07
N LEU E 233 -9.77 -10.37 30.43
CA LEU E 233 -10.25 -11.32 29.42
C LEU E 233 -11.64 -10.93 28.93
N GLU E 234 -12.61 -10.89 29.84
CA GLU E 234 -13.95 -10.42 29.53
C GLU E 234 -14.12 -9.00 30.06
N TYR E 235 -14.80 -8.16 29.30
CA TYR E 235 -14.71 -6.72 29.50
C TYR E 235 -15.33 -6.20 30.80
N PRO E 236 -16.27 -6.91 31.47
CA PRO E 236 -16.68 -6.47 32.81
C PRO E 236 -15.53 -6.02 33.72
N LEU E 237 -14.33 -6.56 33.54
CA LEU E 237 -13.11 -6.07 34.20
C LEU E 237 -13.29 -5.96 35.72
N THR E 238 -13.50 -7.12 36.34
CA THR E 238 -13.58 -7.15 37.79
C THR E 238 -12.19 -7.03 38.42
N PHE E 239 -12.16 -6.60 39.67
CA PHE E 239 -10.92 -6.28 40.37
C PHE E 239 -10.64 -7.22 41.53
N GLY E 240 -11.56 -7.37 42.47
CA GLY E 240 -11.31 -8.16 43.65
C GLY E 240 -10.55 -7.39 44.71
N ALA E 241 -10.89 -7.58 45.98
CA ALA E 241 -10.26 -6.83 47.06
C ALA E 241 -8.78 -7.17 47.13
N GLY E 242 -7.97 -6.17 47.47
CA GLY E 242 -6.53 -6.32 47.48
C GLY E 242 -5.99 -6.91 48.77
N THR E 243 -4.68 -7.13 48.78
CA THR E 243 -3.96 -7.65 49.92
C THR E 243 -3.12 -6.53 50.51
N LYS E 244 -3.19 -6.36 51.84
CA LYS E 244 -2.53 -5.25 52.52
C LYS E 244 -1.17 -5.69 53.05
N LEU E 245 -0.15 -4.86 52.81
CA LEU E 245 1.18 -5.09 53.33
C LEU E 245 1.61 -3.84 54.09
N GLU E 246 1.97 -4.01 55.36
CA GLU E 246 2.37 -2.90 56.20
C GLU E 246 3.47 -3.35 57.15
N LEU E 247 3.99 -2.40 57.92
CA LEU E 247 5.05 -2.65 58.89
C LEU E 247 6.29 -3.25 58.23
N VAL F 22 -40.53 -6.54 -21.52
CA VAL F 22 -39.92 -6.27 -22.81
C VAL F 22 -39.92 -7.52 -23.71
N PRO F 23 -39.54 -8.69 -23.19
CA PRO F 23 -39.76 -9.93 -23.93
C PRO F 23 -41.13 -10.58 -23.68
N LEU F 24 -42.05 -9.83 -23.06
CA LEU F 24 -43.37 -10.39 -22.64
C LEU F 24 -44.14 -11.04 -23.77
N SER F 25 -44.03 -10.52 -24.98
CA SER F 25 -44.82 -10.97 -26.13
C SER F 25 -46.30 -10.99 -25.78
N ARG F 26 -46.81 -9.77 -25.59
CA ARG F 26 -48.15 -9.53 -25.05
C ARG F 26 -49.19 -10.45 -25.66
N THR F 27 -50.12 -10.92 -24.81
CA THR F 27 -51.20 -11.80 -25.22
C THR F 27 -52.37 -11.02 -25.83
N VAL F 28 -52.11 -9.80 -26.29
CA VAL F 28 -53.17 -8.97 -26.84
C VAL F 28 -53.76 -9.64 -28.06
N ARG F 29 -55.08 -9.85 -28.04
CA ARG F 29 -55.81 -10.49 -29.13
C ARG F 29 -55.24 -11.88 -29.45
#